data_5O6B
#
_entry.id   5O6B
#
_cell.length_a   75.246
_cell.length_b   88.373
_cell.length_c   187.703
_cell.angle_alpha   90.00
_cell.angle_beta   90.00
_cell.angle_gamma   90.00
#
_symmetry.space_group_name_H-M   'P 21 21 21'
#
loop_
_entity.id
_entity.type
_entity.pdbx_description
1 polymer 'ATP-dependent DNA helicase PIF1'
2 polymer "DNA (5'-D(*GP*GP*GP*TP*TP*T)-3')"
3 non-polymer "ADENOSINE-5'-DIPHOSPHATE"
4 non-polymer 'TETRAFLUOROALUMINATE ION'
5 non-polymer 'MAGNESIUM ION'
6 non-polymer 'PHOSPHATE ION'
7 water water
#
loop_
_entity_poly.entity_id
_entity_poly.type
_entity_poly.pdbx_seq_one_letter_code
_entity_poly.pdbx_strand_id
1 'polypeptide(L)'
;GLSKEQESIIKLAENGHNIFYTGSAGTGKSILLREMIKVLKGIYGRENVAVTASTGLAACNIGGITIHSFAGIGLGKGDA
DKLYKKVRRSRKHLRRWENIGALVVDEISMLDAELLDKLDFIARKIRKNHQPFGGIQLIFCGDFFQLPPVSKDPNRPTKF
AFESKAWKEGVKMTIMLQKVFRQRGDVKFIDMLNRMRLGNIDDETEREFKKLSRPLPDDEIIPAELYSTRMEVERANNSR
LSKLPGQVHIFNAIDGGALEDEELKERLLQNFLAPKELHLKVGAQVMMVKNLDATLVNGSLGKVIEFMDPETYFCYEALT
NDPSMPPEKLETWAENPSKLKAAMEREQSDGEESAVASRKSSVKEGFAKSDIGEPVSPLDSSVFDFMKRVKTDDEVVLEN
IKRKEQLMQTIHQNSAGKRRLPLVRFKASDMSTRMVLVEPEDWAIEDENEKPLVSRVQLPLMLAWSLSIHKSQGQTLPKV
KVDLRRVFEKGQAYVALSRAVSREGLQVLNFDRTRIKAHQKVIDFYLTLSSAESAYKQLEADEQV
;
A,B
2 'polydeoxyribonucleotide' (DG)(DG)(DG)(DT)(DT)(DT)(DT)(DT) C,D
#
# COMPACT_ATOMS: atom_id res chain seq x y z
N GLY A 1 -34.24 3.18 27.02
CA GLY A 1 -34.26 1.83 27.55
C GLY A 1 -32.92 1.10 27.51
N LEU A 2 -31.92 1.61 28.23
CA LEU A 2 -30.68 0.85 28.38
C LEU A 2 -30.95 -0.42 29.18
N SER A 3 -30.15 -1.46 28.92
CA SER A 3 -30.38 -2.70 29.64
C SER A 3 -29.80 -2.61 31.05
N LYS A 4 -30.19 -3.56 31.91
CA LYS A 4 -29.54 -3.68 33.21
C LYS A 4 -28.03 -3.78 33.05
N GLU A 5 -27.57 -4.58 32.08
CA GLU A 5 -26.14 -4.75 31.84
C GLU A 5 -25.49 -3.45 31.39
N GLN A 6 -26.11 -2.76 30.42
CA GLN A 6 -25.53 -1.51 29.92
C GLN A 6 -25.43 -0.48 31.03
N GLU A 7 -26.48 -0.36 31.86
CA GLU A 7 -26.47 0.65 32.91
C GLU A 7 -25.41 0.34 33.96
N SER A 8 -25.21 -0.94 34.27
CA SER A 8 -24.22 -1.29 35.27
C SER A 8 -22.83 -0.89 34.81
N ILE A 9 -22.59 -0.92 33.50
CA ILE A 9 -21.31 -0.44 33.00
C ILE A 9 -21.16 1.06 33.21
N ILE A 10 -22.24 1.82 33.02
CA ILE A 10 -22.20 3.25 33.28
C ILE A 10 -21.91 3.52 34.76
N LYS A 11 -22.55 2.76 35.65
CA LYS A 11 -22.40 3.03 37.07
C LYS A 11 -21.00 2.67 37.56
N LEU A 12 -20.41 1.57 37.06
CA LEU A 12 -19.01 1.30 37.38
C LEU A 12 -18.10 2.44 36.98
N ALA A 13 -18.30 3.01 35.79
CA ALA A 13 -17.51 4.16 35.36
C ALA A 13 -17.77 5.36 36.27
N GLU A 14 -19.02 5.60 36.65
CA GLU A 14 -19.34 6.67 37.59
C GLU A 14 -18.55 6.50 38.88
N ASN A 15 -18.40 5.26 39.34
CA ASN A 15 -17.69 4.98 40.59
C ASN A 15 -16.19 5.10 40.45
N GLY A 16 -15.67 5.39 39.25
CA GLY A 16 -14.27 5.72 39.07
C GLY A 16 -13.38 4.60 38.60
N HIS A 17 -13.91 3.44 38.24
CA HIS A 17 -13.08 2.31 37.87
C HIS A 17 -12.48 2.46 36.47
N ASN A 18 -11.27 1.92 36.30
CA ASN A 18 -10.66 1.78 34.97
C ASN A 18 -11.22 0.53 34.32
N ILE A 19 -12.04 0.69 33.28
CA ILE A 19 -12.78 -0.45 32.72
C ILE A 19 -12.42 -0.64 31.26
N PHE A 20 -12.37 -1.89 30.86
CA PHE A 20 -12.55 -2.27 29.46
C PHE A 20 -13.86 -3.04 29.39
N TYR A 21 -14.75 -2.64 28.49
CA TYR A 21 -15.95 -3.43 28.27
C TYR A 21 -16.11 -3.72 26.78
N THR A 22 -16.83 -4.82 26.50
CA THR A 22 -16.78 -5.42 25.18
C THR A 22 -18.07 -6.23 24.97
N GLY A 23 -18.15 -6.88 23.83
CA GLY A 23 -19.36 -7.55 23.41
C GLY A 23 -19.40 -7.62 21.89
N SER A 24 -20.19 -8.56 21.38
CA SER A 24 -20.25 -8.72 19.93
C SER A 24 -20.77 -7.43 19.28
N ALA A 25 -20.66 -7.39 17.95
CA ALA A 25 -21.15 -6.26 17.18
C ALA A 25 -22.57 -5.94 17.60
N GLY A 26 -22.86 -4.65 17.77
CA GLY A 26 -24.24 -4.23 17.96
C GLY A 26 -24.87 -4.61 19.28
N THR A 27 -24.06 -4.83 20.33
CA THR A 27 -24.55 -5.06 21.69
C THR A 27 -24.82 -3.75 22.46
N GLY A 28 -24.73 -2.59 21.82
CA GLY A 28 -25.03 -1.34 22.47
C GLY A 28 -23.87 -0.72 23.21
N LYS A 29 -22.64 -1.03 22.84
CA LYS A 29 -21.47 -0.50 23.54
C LYS A 29 -21.33 1.00 23.34
N SER A 30 -21.53 1.47 22.11
CA SER A 30 -21.35 2.90 21.86
C SER A 30 -22.56 3.70 22.32
N ILE A 31 -23.77 3.14 22.19
CA ILE A 31 -24.98 3.83 22.63
C ILE A 31 -24.96 4.07 24.14
N LEU A 32 -24.49 3.09 24.91
CA LEU A 32 -24.30 3.28 26.35
C LEU A 32 -23.20 4.29 26.64
N LEU A 33 -22.13 4.27 25.83
CA LEU A 33 -21.01 5.19 26.02
C LEU A 33 -21.46 6.64 25.88
N ARG A 34 -22.35 6.92 24.93
CA ARG A 34 -22.91 8.27 24.80
C ARG A 34 -23.49 8.74 26.13
N GLU A 35 -24.27 7.87 26.77
CA GLU A 35 -24.87 8.25 28.05
C GLU A 35 -23.80 8.37 29.13
N MET A 36 -22.86 7.43 29.17
CA MET A 36 -21.78 7.49 30.14
C MET A 36 -21.04 8.82 30.07
N ILE A 37 -20.75 9.28 28.86
CA ILE A 37 -19.99 10.52 28.68
C ILE A 37 -20.73 11.70 29.33
N LYS A 38 -22.06 11.73 29.25
CA LYS A 38 -22.82 12.82 29.87
C LYS A 38 -22.60 12.88 31.36
N VAL A 39 -22.50 11.72 32.01
CA VAL A 39 -22.37 11.77 33.45
C VAL A 39 -20.90 11.96 33.84
N LEU A 40 -19.96 11.42 33.06
CA LEU A 40 -18.55 11.69 33.32
C LEU A 40 -18.25 13.19 33.21
N LYS A 41 -18.88 13.88 32.25
CA LYS A 41 -18.65 15.32 32.14
C LYS A 41 -19.16 16.07 33.36
N GLY A 42 -20.25 15.60 33.97
CA GLY A 42 -20.71 16.22 35.21
C GLY A 42 -19.85 15.88 36.41
N ILE A 43 -19.13 14.76 36.37
CA ILE A 43 -18.20 14.41 37.43
C ILE A 43 -16.89 15.18 37.28
N TYR A 44 -16.37 15.28 36.06
CA TYR A 44 -15.04 15.85 35.85
C TYR A 44 -15.07 17.27 35.29
N GLY A 45 -16.17 17.68 34.68
CA GLY A 45 -16.21 19.00 34.04
C GLY A 45 -16.24 18.79 32.54
N ARG A 46 -17.00 19.64 31.85
CA ARG A 46 -17.32 19.39 30.44
C ARG A 46 -16.09 19.20 29.58
N GLU A 47 -15.03 19.94 29.85
CA GLU A 47 -13.84 19.89 29.02
C GLU A 47 -12.84 18.84 29.51
N ASN A 48 -13.18 18.10 30.55
CA ASN A 48 -12.21 17.24 31.23
C ASN A 48 -12.49 15.76 30.98
N VAL A 49 -13.24 15.44 29.91
CA VAL A 49 -13.39 14.07 29.47
C VAL A 49 -12.92 14.00 28.03
N ALA A 50 -11.84 13.25 27.78
CA ALA A 50 -11.36 13.03 26.43
C ALA A 50 -12.23 11.93 25.80
N VAL A 51 -12.95 12.28 24.74
CA VAL A 51 -13.83 11.35 24.03
C VAL A 51 -13.19 11.03 22.69
N THR A 52 -12.85 9.76 22.49
CA THR A 52 -11.89 9.38 21.45
C THR A 52 -12.23 8.01 20.89
N ALA A 53 -11.86 7.78 19.61
CA ALA A 53 -11.88 6.43 19.03
C ALA A 53 -10.71 6.24 18.06
N SER A 54 -10.56 5.00 17.58
CA SER A 54 -9.39 4.67 16.78
C SER A 54 -9.50 5.24 15.37
N THR A 55 -10.72 5.49 14.87
CA THR A 55 -10.90 6.15 13.59
C THR A 55 -11.78 7.38 13.75
N GLY A 56 -11.70 8.27 12.75
CA GLY A 56 -12.49 9.50 12.81
C GLY A 56 -13.99 9.24 12.76
N LEU A 57 -14.44 8.39 11.84
CA LEU A 57 -15.87 8.11 11.76
C LEU A 57 -16.35 7.44 13.05
N ALA A 58 -15.57 6.51 13.59
CA ALA A 58 -15.99 5.89 14.86
C ALA A 58 -15.95 6.89 16.01
N ALA A 59 -15.06 7.87 15.94
CA ALA A 59 -15.02 8.90 16.98
C ALA A 59 -16.25 9.79 16.91
N CYS A 60 -16.64 10.21 15.70
CA CYS A 60 -17.84 11.03 15.53
C CYS A 60 -19.09 10.32 16.02
N ASN A 61 -19.12 8.98 15.93
CA ASN A 61 -20.26 8.19 16.38
C ASN A 61 -20.59 8.44 17.85
N ILE A 62 -19.62 8.91 18.64
CA ILE A 62 -19.87 9.20 20.05
C ILE A 62 -19.53 10.65 20.38
N GLY A 63 -19.46 11.51 19.38
CA GLY A 63 -19.21 12.90 19.64
C GLY A 63 -17.78 13.25 19.97
N GLY A 64 -16.84 12.42 19.53
CA GLY A 64 -15.44 12.62 19.88
C GLY A 64 -14.51 12.81 18.69
N ILE A 65 -13.20 12.62 18.91
CA ILE A 65 -12.18 12.86 17.90
C ILE A 65 -11.21 11.68 17.90
N THR A 66 -10.33 11.66 16.91
CA THR A 66 -9.37 10.55 16.89
C THR A 66 -8.47 10.64 18.11
N ILE A 67 -8.07 9.46 18.60
CA ILE A 67 -7.11 9.44 19.70
C ILE A 67 -5.84 10.17 19.29
N HIS A 68 -5.48 10.09 18.00
CA HIS A 68 -4.26 10.75 17.54
C HIS A 68 -4.40 12.26 17.63
N SER A 69 -5.53 12.79 17.14
CA SER A 69 -5.77 14.23 17.21
C SER A 69 -5.82 14.70 18.65
N PHE A 70 -6.54 13.97 19.50
CA PHE A 70 -6.62 14.35 20.90
C PHE A 70 -5.23 14.39 21.52
N ALA A 71 -4.44 13.33 21.32
CA ALA A 71 -3.16 13.21 22.02
C ALA A 71 -2.13 14.23 21.52
N GLY A 72 -2.24 14.67 20.27
CA GLY A 72 -1.22 15.54 19.71
C GLY A 72 0.01 14.83 19.17
N ILE A 73 -0.10 13.54 18.82
CA ILE A 73 1.07 12.75 18.44
C ILE A 73 1.24 12.62 16.93
N GLY A 74 0.38 13.22 16.14
CA GLY A 74 0.48 13.04 14.70
C GLY A 74 0.19 11.60 14.33
N LEU A 75 1.07 11.00 13.54
CA LEU A 75 0.97 9.57 13.23
C LEU A 75 1.48 8.68 14.37
N GLY A 76 2.06 9.28 15.42
CA GLY A 76 2.55 8.51 16.55
C GLY A 76 3.61 7.49 16.21
N LYS A 77 4.47 7.77 15.23
CA LYS A 77 5.38 6.75 14.72
C LYS A 77 6.62 6.59 15.60
N GLY A 78 7.18 7.68 16.08
CA GLY A 78 8.52 7.65 16.61
C GLY A 78 8.61 7.15 18.04
N ASP A 79 9.82 7.29 18.59
CA ASP A 79 10.08 6.98 19.98
C ASP A 79 9.12 7.70 20.91
N ALA A 80 8.82 7.08 22.05
CA ALA A 80 7.92 7.69 23.03
C ALA A 80 8.45 9.03 23.49
N ASP A 81 9.76 9.15 23.66
CA ASP A 81 10.35 10.38 24.17
C ASP A 81 10.17 11.52 23.17
N LYS A 82 10.33 11.23 21.88
CA LYS A 82 10.11 12.27 20.89
C LYS A 82 8.64 12.69 20.86
N LEU A 83 7.73 11.72 20.93
CA LEU A 83 6.31 12.03 20.93
C LEU A 83 5.95 12.94 22.10
N TYR A 84 6.43 12.58 23.31
CA TYR A 84 6.18 13.42 24.48
C TYR A 84 6.66 14.85 24.25
N LYS A 85 7.84 15.01 23.65
CA LYS A 85 8.34 16.35 23.37
C LYS A 85 7.49 17.06 22.34
N LYS A 86 7.07 16.32 21.31
CA LYS A 86 6.15 16.87 20.31
C LYS A 86 4.86 17.36 20.98
N VAL A 87 4.33 16.59 21.92
CA VAL A 87 3.06 16.95 22.55
C VAL A 87 3.22 18.23 23.38
N ARG A 88 4.23 18.26 24.26
CA ARG A 88 4.35 19.40 25.15
C ARG A 88 4.73 20.69 24.43
N ARG A 89 5.22 20.60 23.19
CA ARG A 89 5.40 21.79 22.36
C ARG A 89 4.07 22.39 21.88
N SER A 90 2.94 21.72 22.13
CA SER A 90 1.62 22.21 21.74
C SER A 90 0.88 22.55 23.02
N ARG A 91 0.72 23.85 23.30
CA ARG A 91 0.12 24.26 24.56
C ARG A 91 -1.28 23.68 24.71
N LYS A 92 -2.04 23.61 23.62
CA LYS A 92 -3.37 23.01 23.65
C LYS A 92 -3.31 21.56 24.12
N HIS A 93 -2.37 20.79 23.57
CA HIS A 93 -2.32 19.37 23.89
C HIS A 93 -1.71 19.12 25.26
N LEU A 94 -0.78 19.97 25.69
CA LEU A 94 -0.20 19.81 27.02
C LEU A 94 -1.22 20.05 28.11
N ARG A 95 -1.99 21.15 28.00
CA ARG A 95 -3.03 21.44 28.99
C ARG A 95 -4.08 20.35 29.01
N ARG A 96 -4.50 19.88 27.84
CA ARG A 96 -5.51 18.82 27.80
C ARG A 96 -5.03 17.60 28.59
N TRP A 97 -3.76 17.21 28.42
CA TRP A 97 -3.27 16.03 29.12
C TRP A 97 -3.18 16.28 30.62
N GLU A 98 -2.91 17.53 31.03
CA GLU A 98 -2.82 17.85 32.46
C GLU A 98 -4.19 17.90 33.11
N ASN A 99 -5.22 18.27 32.36
CA ASN A 99 -6.51 18.64 32.92
C ASN A 99 -7.53 17.52 32.90
N ILE A 100 -7.46 16.58 31.95
CA ILE A 100 -8.57 15.64 31.82
C ILE A 100 -8.62 14.72 33.03
N GLY A 101 -9.83 14.26 33.36
CA GLY A 101 -9.99 13.27 34.40
C GLY A 101 -10.26 11.88 33.84
N ALA A 102 -10.77 11.80 32.61
CA ALA A 102 -11.14 10.51 32.02
C ALA A 102 -10.75 10.49 30.55
N LEU A 103 -10.35 9.31 30.09
CA LEU A 103 -10.04 9.07 28.68
C LEU A 103 -10.94 7.94 28.19
N VAL A 104 -11.82 8.27 27.25
CA VAL A 104 -12.72 7.32 26.63
C VAL A 104 -12.14 6.95 25.29
N VAL A 105 -11.98 5.65 25.04
CA VAL A 105 -11.44 5.15 23.77
C VAL A 105 -12.35 4.06 23.25
N ASP A 106 -13.09 4.36 22.18
CA ASP A 106 -13.98 3.41 21.51
C ASP A 106 -13.27 2.79 20.31
N GLU A 107 -13.83 1.69 19.81
CA GLU A 107 -13.22 0.86 18.76
C GLU A 107 -11.73 0.64 19.03
N ILE A 108 -11.44 0.19 20.25
CA ILE A 108 -10.05 0.08 20.66
C ILE A 108 -9.33 -1.05 19.94
N SER A 109 -10.03 -1.97 19.27
CA SER A 109 -9.34 -3.11 18.65
C SER A 109 -8.34 -2.67 17.60
N MET A 110 -8.49 -1.48 17.03
CA MET A 110 -7.60 -1.03 15.97
C MET A 110 -6.38 -0.24 16.48
N LEU A 111 -6.19 -0.16 17.79
CA LEU A 111 -5.06 0.53 18.39
C LEU A 111 -4.01 -0.50 18.84
N ASP A 112 -2.78 -0.32 18.38
CA ASP A 112 -1.81 -1.38 18.68
C ASP A 112 -1.17 -1.14 20.04
N ALA A 113 -0.47 -2.17 20.53
CA ALA A 113 0.13 -2.11 21.86
C ALA A 113 1.16 -0.99 21.98
N GLU A 114 1.96 -0.79 20.92
CA GLU A 114 2.99 0.26 20.97
C GLU A 114 2.35 1.61 21.20
N LEU A 115 1.22 1.88 20.53
CA LEU A 115 0.52 3.15 20.73
C LEU A 115 0.04 3.28 22.17
N LEU A 116 -0.56 2.22 22.73
CA LEU A 116 -1.04 2.28 24.11
C LEU A 116 0.11 2.59 25.10
N ASP A 117 1.25 1.90 24.96
CA ASP A 117 2.38 2.13 25.86
C ASP A 117 2.87 3.57 25.76
N LYS A 118 2.90 4.12 24.54
CA LYS A 118 3.38 5.49 24.37
C LYS A 118 2.40 6.49 24.99
N LEU A 119 1.10 6.32 24.74
CA LEU A 119 0.10 7.17 25.38
C LEU A 119 0.24 7.15 26.90
N ASP A 120 0.46 5.97 27.47
CA ASP A 120 0.69 5.87 28.91
C ASP A 120 1.95 6.64 29.33
N PHE A 121 3.07 6.42 28.63
CA PHE A 121 4.29 7.17 28.92
C PHE A 121 4.04 8.68 28.91
N ILE A 122 3.31 9.16 27.90
CA ILE A 122 3.08 10.60 27.74
C ILE A 122 2.27 11.14 28.90
N ALA A 123 1.19 10.46 29.28
CA ALA A 123 0.36 10.93 30.38
C ALA A 123 1.11 10.92 31.71
N ARG A 124 1.90 9.87 31.96
CA ARG A 124 2.67 9.79 33.19
C ARG A 124 3.63 10.97 33.30
N LYS A 125 4.31 11.31 32.19
CA LYS A 125 5.29 12.38 32.24
C LYS A 125 4.63 13.75 32.36
N ILE A 126 3.55 13.97 31.62
CA ILE A 126 2.92 15.29 31.65
C ILE A 126 2.30 15.55 33.03
N ARG A 127 1.67 14.54 33.62
CA ARG A 127 0.94 14.72 34.87
C ARG A 127 1.78 14.52 36.12
N LYS A 128 3.07 14.20 35.99
CA LYS A 128 3.97 14.05 37.12
C LYS A 128 3.40 13.06 38.13
N ASN A 129 3.02 11.89 37.62
CA ASN A 129 2.18 10.96 38.34
C ASN A 129 2.46 9.57 37.77
N HIS A 130 3.00 8.67 38.59
CA HIS A 130 3.42 7.36 38.09
C HIS A 130 2.30 6.32 38.10
N GLN A 131 1.04 6.70 38.41
CA GLN A 131 -0.09 5.79 38.26
C GLN A 131 -0.30 5.44 36.79
N PRO A 132 -1.03 4.32 36.50
CA PRO A 132 -1.11 3.76 35.14
C PRO A 132 -1.22 4.70 33.95
N PHE A 133 -2.04 5.74 33.97
CA PHE A 133 -2.05 6.69 32.86
C PHE A 133 -1.89 8.09 33.40
N GLY A 134 -0.95 8.25 34.32
CA GLY A 134 -0.91 9.43 35.15
C GLY A 134 -2.13 9.61 36.02
N GLY A 135 -2.93 8.56 36.22
CA GLY A 135 -4.13 8.64 37.01
C GLY A 135 -5.39 8.99 36.26
N ILE A 136 -5.33 9.17 34.94
CA ILE A 136 -6.55 9.38 34.17
C ILE A 136 -7.41 8.14 34.30
N GLN A 137 -8.72 8.34 34.54
CA GLN A 137 -9.62 7.20 34.53
C GLN A 137 -9.81 6.69 33.11
N LEU A 138 -9.73 5.38 32.95
CA LEU A 138 -9.72 4.71 31.65
C LEU A 138 -11.07 4.06 31.37
N ILE A 139 -11.64 4.36 30.23
CA ILE A 139 -12.82 3.66 29.73
C ILE A 139 -12.48 3.19 28.32
N PHE A 140 -12.14 1.92 28.18
CA PHE A 140 -11.77 1.32 26.91
C PHE A 140 -12.93 0.48 26.42
N CYS A 141 -13.23 0.58 25.13
CA CYS A 141 -14.43 -0.04 24.58
C CYS A 141 -14.18 -0.53 23.16
N GLY A 142 -14.61 -1.76 22.87
CA GLY A 142 -14.49 -2.29 21.53
C GLY A 142 -14.69 -3.80 21.53
N ASP A 143 -14.34 -4.41 20.39
CA ASP A 143 -14.45 -5.87 20.22
C ASP A 143 -13.23 -6.34 19.47
N PHE A 144 -12.38 -7.15 20.11
CA PHE A 144 -11.15 -7.56 19.46
C PHE A 144 -11.36 -8.64 18.41
N PHE A 145 -12.57 -9.17 18.27
CA PHE A 145 -12.92 -10.05 17.15
C PHE A 145 -13.20 -9.26 15.87
N GLN A 146 -13.23 -7.94 15.95
CA GLN A 146 -13.39 -7.01 14.85
C GLN A 146 -11.98 -6.65 14.33
N LEU A 147 -11.84 -5.59 13.54
CA LEU A 147 -10.56 -5.34 12.87
C LEU A 147 -9.40 -5.17 13.86
N PRO A 148 -8.23 -5.74 13.55
CA PRO A 148 -7.02 -5.50 14.34
C PRO A 148 -6.35 -4.21 13.89
N PRO A 149 -5.28 -3.79 14.57
CA PRO A 149 -4.58 -2.56 14.12
C PRO A 149 -3.96 -2.74 12.75
N VAL A 150 -3.91 -1.64 12.00
CA VAL A 150 -3.19 -1.66 10.72
C VAL A 150 -1.70 -1.80 10.99
N SER A 151 -1.08 -2.82 10.39
CA SER A 151 0.34 -3.12 10.57
C SER A 151 1.08 -2.79 9.27
N LYS A 152 1.72 -1.63 9.23
CA LYS A 152 2.43 -1.18 8.03
C LYS A 152 3.92 -0.92 8.32
N PRO A 157 6.10 -6.43 13.91
CA PRO A 157 4.69 -6.78 13.74
C PRO A 157 3.83 -6.13 14.83
N THR A 158 2.57 -5.83 14.52
CA THR A 158 1.72 -5.18 15.51
C THR A 158 1.13 -6.20 16.47
N LYS A 159 1.00 -5.80 17.72
CA LYS A 159 0.36 -6.58 18.76
C LYS A 159 -0.94 -5.90 19.14
N PHE A 160 -1.87 -6.72 19.66
CA PHE A 160 -3.15 -6.19 20.11
C PHE A 160 -2.97 -5.30 21.34
N ALA A 161 -3.93 -4.40 21.57
CA ALA A 161 -3.83 -3.46 22.68
C ALA A 161 -3.72 -4.20 24.01
N PHE A 162 -4.43 -5.33 24.16
CA PHE A 162 -4.40 -6.05 25.43
C PHE A 162 -3.08 -6.77 25.69
N GLU A 163 -2.14 -6.75 24.75
CA GLU A 163 -0.81 -7.30 24.95
C GLU A 163 0.16 -6.31 25.60
N SER A 164 -0.24 -5.04 25.73
CA SER A 164 0.71 -4.05 26.20
C SER A 164 0.76 -4.02 27.74
N LYS A 165 1.97 -3.69 28.25
CA LYS A 165 2.11 -3.45 29.68
C LYS A 165 1.13 -2.39 30.18
N ALA A 166 0.95 -1.30 29.41
CA ALA A 166 0.03 -0.26 29.81
C ALA A 166 -1.37 -0.82 30.03
N TRP A 167 -1.83 -1.67 29.11
CA TRP A 167 -3.13 -2.30 29.27
C TRP A 167 -3.16 -3.11 30.56
N LYS A 168 -2.22 -4.04 30.71
CA LYS A 168 -2.28 -4.98 31.84
C LYS A 168 -2.17 -4.27 33.18
N GLU A 169 -1.48 -3.12 33.23
CA GLU A 169 -1.38 -2.36 34.47
C GLU A 169 -2.51 -1.36 34.65
N GLY A 170 -3.09 -0.87 33.56
CA GLY A 170 -4.11 0.17 33.66
C GLY A 170 -5.52 -0.36 33.81
N VAL A 171 -5.87 -1.37 33.02
CA VAL A 171 -7.26 -1.87 32.99
C VAL A 171 -7.50 -2.68 34.27
N LYS A 172 -8.32 -2.14 35.17
CA LYS A 172 -8.58 -2.81 36.44
C LYS A 172 -9.68 -3.86 36.35
N MET A 173 -10.57 -3.74 35.37
CA MET A 173 -11.85 -4.41 35.45
C MET A 173 -12.39 -4.58 34.03
N THR A 174 -13.01 -5.73 33.75
CA THR A 174 -13.60 -5.98 32.44
C THR A 174 -15.06 -6.40 32.59
N ILE A 175 -15.87 -6.03 31.61
CA ILE A 175 -17.29 -6.36 31.55
C ILE A 175 -17.65 -6.76 30.12
N MET A 176 -18.41 -7.85 29.99
CA MET A 176 -18.80 -8.41 28.70
C MET A 176 -20.31 -8.27 28.55
N LEU A 177 -20.75 -7.63 27.47
CA LEU A 177 -22.17 -7.63 27.12
C LEU A 177 -22.48 -8.86 26.27
N GLN A 178 -23.73 -9.33 26.31
CA GLN A 178 -24.12 -10.50 25.52
C GLN A 178 -25.30 -10.26 24.58
N LYS A 179 -26.28 -9.44 24.96
CA LYS A 179 -27.49 -9.31 24.15
C LYS A 179 -27.22 -8.44 22.94
N VAL A 180 -27.51 -8.97 21.75
CA VAL A 180 -27.33 -8.23 20.51
C VAL A 180 -28.60 -7.42 20.24
N PHE A 181 -28.44 -6.10 20.09
CA PHE A 181 -29.57 -5.24 19.74
C PHE A 181 -29.68 -4.95 18.25
N ARG A 182 -28.56 -4.70 17.54
CA ARG A 182 -28.63 -4.19 16.16
C ARG A 182 -29.54 -5.03 15.27
N GLN A 183 -29.43 -6.36 15.38
CA GLN A 183 -30.21 -7.26 14.54
C GLN A 183 -31.35 -7.94 15.31
N ARG A 184 -31.87 -7.29 16.36
CA ARG A 184 -32.76 -7.98 17.31
C ARG A 184 -34.00 -8.58 16.66
N GLY A 185 -34.41 -8.11 15.48
CA GLY A 185 -35.60 -8.74 14.91
C GLY A 185 -35.42 -10.20 14.53
N ASP A 186 -34.18 -10.68 14.41
CA ASP A 186 -33.84 -11.92 13.68
C ASP A 186 -32.82 -12.72 14.48
N VAL A 187 -33.31 -13.64 15.31
CA VAL A 187 -32.41 -14.39 16.19
C VAL A 187 -31.52 -15.33 15.38
N LYS A 188 -32.05 -15.91 14.31
CA LYS A 188 -31.24 -16.77 13.45
C LYS A 188 -30.12 -15.98 12.77
N PHE A 189 -30.39 -14.73 12.37
CA PHE A 189 -29.35 -13.86 11.83
C PHE A 189 -28.27 -13.57 12.88
N ILE A 190 -28.68 -13.40 14.14
CA ILE A 190 -27.72 -13.12 15.20
C ILE A 190 -26.79 -14.32 15.39
N ASP A 191 -27.33 -15.54 15.34
CA ASP A 191 -26.48 -16.72 15.50
C ASP A 191 -25.50 -16.87 14.35
N MET A 192 -25.96 -16.63 13.12
CA MET A 192 -25.05 -16.62 11.96
C MET A 192 -23.91 -15.62 12.18
N LEU A 193 -24.22 -14.42 12.69
CA LEU A 193 -23.18 -13.43 12.92
C LEU A 193 -22.27 -13.84 14.07
N ASN A 194 -22.84 -14.35 15.16
CA ASN A 194 -22.03 -14.64 16.34
C ASN A 194 -21.06 -15.79 16.06
N ARG A 195 -21.48 -16.81 15.30
CA ARG A 195 -20.54 -17.87 14.94
C ARG A 195 -19.51 -17.35 13.94
N MET A 196 -19.92 -16.46 13.04
CA MET A 196 -18.96 -15.83 12.16
C MET A 196 -17.94 -14.98 12.92
N ARG A 197 -18.39 -14.33 14.01
CA ARG A 197 -17.46 -13.63 14.89
C ARG A 197 -16.32 -14.53 15.33
N LEU A 198 -16.62 -15.78 15.67
CA LEU A 198 -15.65 -16.74 16.17
C LEU A 198 -15.02 -17.58 15.08
N GLY A 199 -15.34 -17.31 13.81
CA GLY A 199 -14.73 -18.05 12.72
C GLY A 199 -15.24 -19.46 12.52
N ASN A 200 -16.50 -19.73 12.84
CA ASN A 200 -17.03 -21.09 12.79
C ASN A 200 -18.29 -21.10 11.94
N ILE A 201 -18.12 -21.24 10.62
CA ILE A 201 -19.24 -21.20 9.67
C ILE A 201 -19.56 -22.63 9.26
N ASP A 202 -20.80 -23.06 9.48
CA ASP A 202 -21.33 -24.34 9.06
C ASP A 202 -22.09 -24.20 7.73
N ASP A 203 -22.55 -25.34 7.23
CA ASP A 203 -23.18 -25.40 5.90
C ASP A 203 -24.42 -24.51 5.83
N GLU A 204 -25.28 -24.57 6.85
CA GLU A 204 -26.51 -23.80 6.81
C GLU A 204 -26.24 -22.30 6.85
N THR A 205 -25.25 -21.87 7.64
CA THR A 205 -24.88 -20.45 7.65
C THR A 205 -24.33 -20.03 6.31
N GLU A 206 -23.46 -20.85 5.71
CA GLU A 206 -22.96 -20.55 4.38
C GLU A 206 -24.11 -20.46 3.38
N ARG A 207 -25.06 -21.40 3.43
CA ARG A 207 -26.24 -21.32 2.56
C ARG A 207 -27.00 -20.00 2.77
N GLU A 208 -27.21 -19.60 4.02
CA GLU A 208 -28.05 -18.44 4.31
C GLU A 208 -27.37 -17.14 3.88
N PHE A 209 -26.05 -17.06 4.04
CA PHE A 209 -25.35 -15.86 3.60
C PHE A 209 -25.26 -15.83 2.08
N LYS A 210 -25.08 -16.99 1.44
CA LYS A 210 -25.03 -16.99 0.00
C LYS A 210 -26.38 -16.61 -0.61
N LYS A 211 -27.48 -16.87 0.09
CA LYS A 211 -28.79 -16.40 -0.36
C LYS A 211 -28.86 -14.89 -0.45
N LEU A 212 -28.01 -14.19 0.30
CA LEU A 212 -28.08 -12.74 0.35
C LEU A 212 -27.35 -12.07 -0.81
N SER A 213 -26.88 -12.84 -1.80
CA SER A 213 -26.34 -12.19 -2.99
C SER A 213 -27.43 -11.54 -3.84
N ARG A 214 -28.70 -11.85 -3.61
CA ARG A 214 -29.78 -11.19 -4.33
C ARG A 214 -29.74 -9.68 -4.08
N PRO A 215 -30.15 -8.88 -5.07
CA PRO A 215 -30.04 -7.42 -4.91
C PRO A 215 -31.00 -6.90 -3.85
N LEU A 216 -30.69 -5.71 -3.33
CA LEU A 216 -31.53 -5.10 -2.31
C LEU A 216 -32.81 -4.54 -2.90
N PRO A 217 -33.79 -4.19 -2.07
CA PRO A 217 -35.00 -3.53 -2.59
C PRO A 217 -34.64 -2.30 -3.43
N ASP A 218 -35.44 -2.10 -4.47
CA ASP A 218 -35.23 -1.04 -5.45
C ASP A 218 -35.67 0.33 -4.97
N ASP A 219 -36.03 0.46 -3.69
CA ASP A 219 -36.53 1.73 -3.16
C ASP A 219 -35.55 2.85 -3.48
N GLU A 220 -36.04 4.08 -3.47
CA GLU A 220 -35.23 5.24 -3.79
C GLU A 220 -34.11 5.47 -2.79
N ILE A 221 -34.03 4.64 -1.74
CA ILE A 221 -33.00 4.83 -0.72
C ILE A 221 -31.66 4.35 -1.28
N ILE A 222 -30.69 5.25 -1.32
CA ILE A 222 -29.33 4.94 -1.73
C ILE A 222 -28.71 4.02 -0.67
N PRO A 223 -28.22 2.85 -1.04
CA PRO A 223 -27.66 1.95 -0.03
C PRO A 223 -26.27 2.42 0.39
N ALA A 224 -25.92 2.08 1.63
CA ALA A 224 -24.52 2.05 1.99
C ALA A 224 -23.85 0.88 1.27
N GLU A 225 -22.55 1.02 0.99
CA GLU A 225 -21.82 -0.09 0.36
C GLU A 225 -20.46 -0.24 1.02
N LEU A 226 -20.07 -1.47 1.30
CA LEU A 226 -18.84 -1.72 2.03
C LEU A 226 -17.89 -2.56 1.18
N TYR A 227 -16.64 -2.14 1.12
CA TYR A 227 -15.61 -2.84 0.39
C TYR A 227 -14.33 -2.83 1.20
N SER A 228 -13.41 -3.73 0.86
CA SER A 228 -12.18 -3.83 1.63
C SER A 228 -11.22 -2.67 1.32
N THR A 229 -11.12 -2.25 0.06
CA THR A 229 -10.06 -1.34 -0.37
C THR A 229 -10.63 -0.01 -0.86
N ARG A 230 -9.79 1.02 -0.73
CA ARG A 230 -10.21 2.36 -1.09
C ARG A 230 -10.52 2.47 -2.57
N MET A 231 -9.80 1.73 -3.42
CA MET A 231 -10.08 1.79 -4.83
C MET A 231 -11.50 1.30 -5.12
N GLU A 232 -11.91 0.19 -4.49
CA GLU A 232 -13.30 -0.26 -4.62
C GLU A 232 -14.27 0.80 -4.10
N VAL A 233 -13.98 1.41 -2.95
CA VAL A 233 -14.90 2.35 -2.33
C VAL A 233 -15.08 3.58 -3.24
N GLU A 234 -13.95 4.14 -3.69
CA GLU A 234 -13.99 5.30 -4.56
C GLU A 234 -14.74 5.00 -5.85
N ARG A 235 -14.49 3.82 -6.44
CA ARG A 235 -15.21 3.46 -7.64
C ARG A 235 -16.71 3.40 -7.37
N ALA A 236 -17.11 2.80 -6.24
CA ALA A 236 -18.54 2.70 -5.94
C ALA A 236 -19.14 4.06 -5.65
N ASN A 237 -18.39 4.95 -5.00
CA ASN A 237 -18.92 6.28 -4.72
C ASN A 237 -19.09 7.08 -6.00
N ASN A 238 -18.10 7.03 -6.90
CA ASN A 238 -18.24 7.80 -8.12
C ASN A 238 -19.31 7.20 -9.02
N SER A 239 -19.47 5.87 -8.99
CA SER A 239 -20.59 5.24 -9.70
C SER A 239 -21.93 5.77 -9.19
N ARG A 240 -22.14 5.74 -7.88
CA ARG A 240 -23.40 6.24 -7.35
C ARG A 240 -23.61 7.71 -7.69
N LEU A 241 -22.54 8.51 -7.65
CA LEU A 241 -22.68 9.92 -7.97
C LEU A 241 -23.13 10.13 -9.41
N SER A 242 -22.60 9.35 -10.35
CA SER A 242 -23.02 9.51 -11.74
C SER A 242 -24.50 9.17 -11.91
N LYS A 243 -25.05 8.31 -11.04
CA LYS A 243 -26.47 7.99 -11.10
C LYS A 243 -27.34 9.07 -10.49
N LEU A 244 -26.77 9.93 -9.65
CA LEU A 244 -27.54 11.04 -9.07
C LEU A 244 -27.95 12.03 -10.15
N PRO A 245 -29.21 12.45 -10.17
CA PRO A 245 -29.60 13.53 -11.07
C PRO A 245 -28.86 14.81 -10.70
N GLY A 246 -28.48 15.58 -11.71
CA GLY A 246 -27.89 16.87 -11.44
C GLY A 246 -26.59 17.14 -12.18
N GLN A 247 -26.27 18.41 -12.34
CA GLN A 247 -25.00 18.79 -12.95
C GLN A 247 -23.86 18.49 -11.98
N VAL A 248 -22.81 17.85 -12.49
CA VAL A 248 -21.65 17.55 -11.67
C VAL A 248 -20.85 18.83 -11.49
N HIS A 249 -20.25 18.97 -10.30
CA HIS A 249 -19.33 20.07 -10.02
C HIS A 249 -17.99 19.44 -9.70
N ILE A 250 -16.96 19.85 -10.43
CA ILE A 250 -15.65 19.20 -10.40
C ILE A 250 -14.67 20.10 -9.66
N PHE A 251 -13.93 19.53 -8.73
CA PHE A 251 -12.90 20.23 -7.97
C PHE A 251 -11.61 19.45 -8.15
N ASN A 252 -10.73 19.99 -8.99
CA ASN A 252 -9.45 19.38 -9.28
C ASN A 252 -8.40 19.90 -8.31
N ALA A 253 -7.72 19.01 -7.60
CA ALA A 253 -6.74 19.43 -6.62
C ALA A 253 -5.56 20.11 -7.31
N ILE A 254 -4.88 21.00 -6.59
CA ILE A 254 -3.61 21.57 -7.03
C ILE A 254 -2.51 20.85 -6.25
N ASP A 255 -1.68 20.07 -6.94
CA ASP A 255 -0.62 19.29 -6.31
C ASP A 255 0.76 19.88 -6.60
N GLY A 256 1.67 19.71 -5.63
CA GLY A 256 3.12 19.95 -5.72
C GLY A 256 3.77 18.99 -4.73
N GLY A 257 4.98 19.21 -4.22
CA GLY A 257 5.98 20.11 -4.72
C GLY A 257 7.21 19.36 -5.24
N ALA A 258 8.28 19.33 -4.44
CA ALA A 258 9.65 19.11 -4.93
C ALA A 258 10.14 17.66 -4.87
N LEU A 259 9.39 16.73 -4.29
CA LEU A 259 9.83 15.34 -4.28
C LEU A 259 9.95 14.80 -5.70
N GLU A 260 11.01 14.03 -5.97
CA GLU A 260 11.27 13.62 -7.35
C GLU A 260 10.52 12.35 -7.76
N ASP A 261 10.30 11.41 -6.85
CA ASP A 261 9.64 10.18 -7.22
C ASP A 261 8.15 10.44 -7.45
N GLU A 262 7.71 10.31 -8.70
CA GLU A 262 6.31 10.61 -9.04
C GLU A 262 5.35 9.66 -8.33
N GLU A 263 5.69 8.37 -8.24
CA GLU A 263 4.81 7.40 -7.60
C GLU A 263 4.77 7.63 -6.09
N LEU A 264 5.95 7.79 -5.47
CA LEU A 264 5.98 8.09 -4.04
C LEU A 264 5.14 9.32 -3.73
N LYS A 265 5.22 10.35 -4.57
CA LYS A 265 4.41 11.55 -4.36
C LYS A 265 2.92 11.21 -4.33
N GLU A 266 2.46 10.38 -5.29
CA GLU A 266 1.04 10.02 -5.36
C GLU A 266 0.60 9.19 -4.16
N ARG A 267 1.46 8.27 -3.73
CA ARG A 267 1.18 7.53 -2.51
C ARG A 267 1.01 8.46 -1.30
N LEU A 268 1.92 9.44 -1.18
CA LEU A 268 1.83 10.37 -0.06
C LEU A 268 0.63 11.31 -0.20
N LEU A 269 0.30 11.69 -1.45
CA LEU A 269 -0.86 12.53 -1.66
C LEU A 269 -2.15 11.82 -1.24
N GLN A 270 -2.17 10.49 -1.40
CA GLN A 270 -3.35 9.70 -1.05
C GLN A 270 -3.74 9.88 0.42
N ASN A 271 -2.77 9.94 1.32
CA ASN A 271 -3.06 10.00 2.75
C ASN A 271 -3.44 11.40 3.24
N PHE A 272 -3.59 12.35 2.33
CA PHE A 272 -4.33 13.56 2.66
C PHE A 272 -5.83 13.34 2.59
N LEU A 273 -6.26 12.19 2.07
CA LEU A 273 -7.58 11.58 2.11
C LEU A 273 -8.58 12.29 1.22
N ALA A 274 -8.21 13.46 0.74
CA ALA A 274 -9.14 14.03 -0.21
C ALA A 274 -8.63 13.68 -1.61
N PRO A 275 -9.53 13.38 -2.52
CA PRO A 275 -9.09 12.85 -3.83
C PRO A 275 -8.50 13.94 -4.70
N LYS A 276 -7.74 13.50 -5.71
CA LYS A 276 -7.24 14.45 -6.72
C LYS A 276 -8.40 15.05 -7.52
N GLU A 277 -9.43 14.28 -7.78
CA GLU A 277 -10.56 14.72 -8.58
C GLU A 277 -11.80 14.51 -7.73
N LEU A 278 -12.34 15.59 -7.20
CA LEU A 278 -13.52 15.54 -6.36
C LEU A 278 -14.71 15.96 -7.20
N HIS A 279 -15.66 15.04 -7.37
CA HIS A 279 -16.88 15.30 -8.12
C HIS A 279 -18.05 15.31 -7.15
N LEU A 280 -18.90 16.33 -7.27
CA LEU A 280 -19.96 16.53 -6.31
C LEU A 280 -21.22 16.94 -7.05
N LYS A 281 -22.35 16.67 -6.40
CA LYS A 281 -23.65 17.09 -6.88
C LYS A 281 -24.49 17.47 -5.67
N VAL A 282 -25.53 18.27 -5.91
CA VAL A 282 -26.56 18.46 -4.88
C VAL A 282 -27.03 17.10 -4.41
N GLY A 283 -27.13 16.94 -3.09
CA GLY A 283 -27.56 15.69 -2.49
C GLY A 283 -26.47 14.66 -2.25
N ALA A 284 -25.25 14.88 -2.72
CA ALA A 284 -24.19 13.91 -2.47
C ALA A 284 -23.91 13.80 -0.98
N GLN A 285 -23.66 12.57 -0.51
CA GLN A 285 -23.24 12.32 0.86
C GLN A 285 -21.71 12.37 0.95
N VAL A 286 -21.20 13.21 1.85
CA VAL A 286 -19.78 13.49 1.91
C VAL A 286 -19.28 13.31 3.34
N MET A 287 -17.97 13.13 3.47
CA MET A 287 -17.33 13.06 4.77
C MET A 287 -16.21 14.09 4.85
N MET A 288 -16.16 14.80 5.96
CA MET A 288 -15.03 15.67 6.23
C MET A 288 -13.81 14.80 6.55
N VAL A 289 -12.65 15.15 5.99
CA VAL A 289 -11.46 14.34 6.20
C VAL A 289 -10.31 15.13 6.83
N LYS A 290 -10.57 16.34 7.31
CA LYS A 290 -9.58 17.14 8.03
C LYS A 290 -10.17 17.59 9.36
N ASN A 291 -9.31 17.76 10.37
CA ASN A 291 -9.79 18.23 11.68
C ASN A 291 -9.77 19.75 11.66
N LEU A 292 -10.94 20.37 11.45
CA LEU A 292 -10.99 21.82 11.29
C LEU A 292 -11.31 22.56 12.59
N ASP A 293 -12.28 22.11 13.37
CA ASP A 293 -12.54 22.75 14.65
C ASP A 293 -13.09 21.69 15.59
N ALA A 294 -13.65 22.14 16.72
CA ALA A 294 -14.05 21.19 17.75
C ALA A 294 -15.11 20.20 17.25
N THR A 295 -15.99 20.61 16.35
CA THR A 295 -17.10 19.76 15.95
C THR A 295 -17.17 19.52 14.44
N LEU A 296 -16.15 19.90 13.70
CA LEU A 296 -16.08 19.62 12.25
C LEU A 296 -14.72 18.95 12.09
N VAL A 297 -14.72 17.62 11.99
CA VAL A 297 -13.50 16.84 12.16
C VAL A 297 -13.48 15.72 11.13
N ASN A 298 -12.34 15.08 11.03
CA ASN A 298 -12.19 13.89 10.20
C ASN A 298 -13.24 12.87 10.63
N GLY A 299 -14.16 12.54 9.75
CA GLY A 299 -15.24 11.63 10.07
C GLY A 299 -16.61 12.29 10.13
N SER A 300 -16.68 13.63 10.14
CA SER A 300 -17.97 14.30 10.15
C SER A 300 -18.69 14.03 8.83
N LEU A 301 -19.94 13.59 8.92
CA LEU A 301 -20.76 13.22 7.77
C LEU A 301 -21.75 14.34 7.43
N GLY A 302 -21.95 14.58 6.12
CA GLY A 302 -22.82 15.66 5.67
C GLY A 302 -23.45 15.40 4.31
N LYS A 303 -24.35 16.31 3.93
CA LYS A 303 -25.02 16.23 2.64
C LYS A 303 -24.90 17.57 1.92
N VAL A 304 -24.55 17.53 0.64
CA VAL A 304 -24.36 18.75 -0.14
C VAL A 304 -25.71 19.40 -0.38
N ILE A 305 -25.84 20.67 0.01
CA ILE A 305 -27.08 21.41 -0.19
C ILE A 305 -27.11 22.10 -1.55
N GLU A 306 -26.04 22.81 -1.88
CA GLU A 306 -25.91 23.49 -3.17
C GLU A 306 -24.45 23.95 -3.27
N PHE A 307 -24.16 24.72 -4.31
CA PHE A 307 -22.85 25.30 -4.54
C PHE A 307 -23.00 26.81 -4.63
N MET A 308 -22.27 27.54 -3.78
CA MET A 308 -22.36 29.00 -3.73
C MET A 308 -20.97 29.60 -3.57
N ASP A 309 -20.81 30.83 -4.07
CA ASP A 309 -19.62 31.57 -3.69
C ASP A 309 -19.84 32.22 -2.33
N PRO A 310 -18.76 32.62 -1.64
CA PRO A 310 -18.94 33.19 -0.29
C PRO A 310 -19.89 34.37 -0.23
N GLU A 311 -19.92 35.21 -1.27
CA GLU A 311 -20.83 36.35 -1.29
C GLU A 311 -22.28 35.88 -1.30
N THR A 312 -22.61 34.96 -2.20
CA THR A 312 -23.96 34.39 -2.23
C THR A 312 -24.29 33.69 -0.92
N TYR A 313 -23.33 32.96 -0.35
CA TYR A 313 -23.63 32.23 0.87
C TYR A 313 -23.91 33.18 2.03
N PHE A 314 -23.19 34.32 2.08
CA PHE A 314 -23.46 35.30 3.15
C PHE A 314 -24.92 35.75 3.14
N CYS A 315 -25.45 36.07 1.96
CA CYS A 315 -26.87 36.44 1.86
C CYS A 315 -27.77 35.26 2.22
N TYR A 316 -27.45 34.07 1.71
CA TYR A 316 -28.25 32.89 2.03
C TYR A 316 -28.25 32.64 3.54
N GLU A 317 -27.08 32.71 4.17
CA GLU A 317 -26.99 32.50 5.61
C GLU A 317 -27.77 33.56 6.35
N ALA A 318 -27.68 34.81 5.91
CA ALA A 318 -28.47 35.86 6.56
C ALA A 318 -29.96 35.57 6.42
N LEU A 319 -30.38 35.06 5.26
CA LEU A 319 -31.78 34.73 5.07
C LEU A 319 -32.18 33.52 5.93
N THR A 320 -31.33 32.50 6.00
CA THR A 320 -31.69 31.35 6.82
C THR A 320 -31.62 31.67 8.31
N ASN A 321 -31.03 32.80 8.68
CA ASN A 321 -31.02 33.22 10.08
C ASN A 321 -32.10 34.23 10.39
N ASP A 322 -32.84 34.70 9.37
CA ASP A 322 -34.00 35.56 9.55
C ASP A 322 -34.90 35.51 8.32
N PRO A 323 -35.71 34.46 8.17
CA PRO A 323 -36.54 34.34 6.96
C PRO A 323 -37.56 35.46 6.79
N SER A 324 -38.06 36.03 7.89
CA SER A 324 -39.04 37.11 7.82
C SER A 324 -38.37 38.48 7.70
N MET A 325 -37.10 38.51 7.29
CA MET A 325 -36.40 39.78 7.09
C MET A 325 -37.02 40.54 5.91
N PRO A 326 -37.07 41.86 5.99
CA PRO A 326 -37.62 42.65 4.87
C PRO A 326 -36.72 42.57 3.66
N PRO A 327 -37.27 42.20 2.49
CA PRO A 327 -36.43 41.96 1.31
C PRO A 327 -35.66 43.17 0.82
N GLU A 328 -35.87 44.35 1.42
CA GLU A 328 -35.11 45.54 1.02
C GLU A 328 -33.61 45.30 1.15
N LYS A 329 -33.19 44.71 2.27
CA LYS A 329 -31.76 44.42 2.47
C LYS A 329 -31.21 43.57 1.34
N LEU A 330 -31.94 42.52 0.94
CA LEU A 330 -31.43 41.61 -0.09
C LEU A 330 -31.30 42.29 -1.44
N GLU A 331 -32.24 43.20 -1.76
CA GLU A 331 -32.19 43.89 -3.04
C GLU A 331 -30.97 44.80 -3.15
N THR A 332 -30.58 45.44 -2.04
CA THR A 332 -29.38 46.27 -2.04
C THR A 332 -28.14 45.44 -2.40
N TRP A 333 -28.02 44.25 -1.81
CA TRP A 333 -26.90 43.39 -2.10
C TRP A 333 -26.93 42.88 -3.53
N ALA A 334 -28.14 42.69 -4.09
CA ALA A 334 -28.24 42.25 -5.48
C ALA A 334 -27.68 43.30 -6.44
N GLU A 335 -28.21 44.52 -6.37
CA GLU A 335 -27.84 45.55 -7.34
C GLU A 335 -26.56 46.29 -6.97
N ASN A 336 -26.03 46.10 -5.77
CA ASN A 336 -24.80 46.76 -5.35
C ASN A 336 -23.91 45.75 -4.65
N PRO A 337 -23.32 44.82 -5.42
CA PRO A 337 -22.49 43.77 -4.80
C PRO A 337 -21.34 44.32 -3.97
N SER A 338 -20.90 45.55 -4.24
CA SER A 338 -19.90 46.18 -3.39
C SER A 338 -20.39 46.35 -1.96
N LYS A 339 -21.71 46.53 -1.76
CA LYS A 339 -22.26 46.62 -0.41
C LYS A 339 -22.44 45.24 0.20
N LEU A 340 -22.83 44.26 -0.61
CA LEU A 340 -22.80 42.87 -0.15
C LEU A 340 -21.40 42.52 0.36
N LYS A 341 -20.37 42.89 -0.41
CA LYS A 341 -19.01 42.61 0.00
C LYS A 341 -18.67 43.29 1.32
N ALA A 342 -18.98 44.59 1.43
CA ALA A 342 -18.76 45.31 2.69
C ALA A 342 -19.56 44.68 3.81
N ALA A 343 -20.85 44.45 3.60
CA ALA A 343 -21.69 43.80 4.60
C ALA A 343 -21.10 42.46 5.03
N MET A 344 -20.77 41.62 4.05
CA MET A 344 -20.15 40.34 4.34
C MET A 344 -18.84 40.52 5.10
N GLU A 345 -18.01 41.44 4.63
CA GLU A 345 -16.69 41.55 5.24
C GLU A 345 -16.68 42.36 6.52
N ARG A 346 -17.75 43.11 6.81
CA ARG A 346 -17.90 43.70 8.13
C ARG A 346 -18.04 42.63 9.20
N GLU A 347 -18.52 41.43 8.83
CA GLU A 347 -18.75 40.36 9.79
C GLU A 347 -17.58 39.40 9.93
N GLN A 348 -16.66 39.37 8.98
CA GLN A 348 -15.57 38.38 9.00
C GLN A 348 -14.55 38.65 10.10
N SER A 354 0.13 34.89 9.02
CA SER A 354 1.56 34.70 8.80
C SER A 354 1.96 35.27 7.43
N ALA A 355 3.10 34.83 6.90
CA ALA A 355 3.57 35.26 5.58
C ALA A 355 3.54 34.13 4.56
N VAL A 356 4.05 32.95 4.93
CA VAL A 356 3.85 31.76 4.11
C VAL A 356 2.41 31.29 4.15
N ALA A 357 1.62 31.78 5.11
CA ALA A 357 0.19 31.56 5.10
C ALA A 357 -0.47 32.31 3.94
N SER A 358 -0.12 33.58 3.77
CA SER A 358 -0.63 34.35 2.64
C SER A 358 -0.14 33.81 1.30
N ARG A 359 0.93 33.02 1.29
CA ARG A 359 1.41 32.38 0.08
C ARG A 359 0.70 31.06 -0.20
N LYS A 360 0.02 30.50 0.80
CA LYS A 360 -0.92 29.40 0.54
C LYS A 360 -2.27 29.93 0.09
N SER A 361 -2.63 31.15 0.52
CA SER A 361 -3.86 31.77 0.06
C SER A 361 -3.78 32.17 -1.41
N SER A 362 -2.59 32.50 -1.90
CA SER A 362 -2.45 32.74 -3.34
C SER A 362 -2.66 31.46 -4.14
N VAL A 363 -2.20 30.33 -3.60
CA VAL A 363 -2.43 29.06 -4.29
C VAL A 363 -3.91 28.70 -4.24
N LYS A 364 -4.53 28.86 -3.06
CA LYS A 364 -5.97 28.58 -2.94
C LYS A 364 -6.80 29.53 -3.80
N GLU A 365 -6.29 30.73 -4.07
CA GLU A 365 -6.99 31.65 -4.95
C GLU A 365 -7.19 31.09 -6.35
N GLY A 366 -6.19 30.34 -6.85
CA GLY A 366 -6.29 29.73 -8.15
C GLY A 366 -6.91 28.35 -8.14
N PHE A 367 -7.72 28.04 -7.14
CA PHE A 367 -8.33 26.72 -7.01
C PHE A 367 -9.79 26.74 -7.47
N ALA A 368 -10.21 25.68 -8.15
CA ALA A 368 -11.56 25.55 -8.70
C ALA A 368 -11.93 26.83 -9.45
N LYS A 369 -11.09 27.12 -10.44
CA LYS A 369 -11.05 28.43 -11.06
C LYS A 369 -12.41 28.78 -11.66
N SER A 370 -12.77 30.05 -11.53
CA SER A 370 -14.04 30.54 -12.00
C SER A 370 -14.05 30.64 -13.52
N ASP A 371 -15.16 30.22 -14.12
CA ASP A 371 -15.33 30.30 -15.57
C ASP A 371 -16.29 31.45 -15.85
N ILE A 372 -15.73 32.57 -16.32
CA ILE A 372 -16.54 33.76 -16.56
C ILE A 372 -17.53 33.52 -17.69
N GLY A 373 -17.23 32.60 -18.59
CA GLY A 373 -18.12 32.30 -19.71
C GLY A 373 -19.19 31.28 -19.38
N GLU A 374 -18.86 30.28 -18.57
CA GLU A 374 -19.80 29.19 -18.30
C GLU A 374 -21.00 29.71 -17.52
N PRO A 375 -22.23 29.36 -17.92
CA PRO A 375 -23.40 29.91 -17.24
C PRO A 375 -23.58 29.28 -15.87
N VAL A 376 -23.91 30.13 -14.91
CA VAL A 376 -24.18 29.67 -13.53
C VAL A 376 -25.56 29.06 -13.49
N SER A 377 -25.63 27.77 -13.18
CA SER A 377 -26.93 27.13 -13.03
C SER A 377 -27.65 27.73 -11.82
N PRO A 378 -28.96 27.97 -11.92
CA PRO A 378 -29.69 28.52 -10.78
C PRO A 378 -29.66 27.57 -9.59
N LEU A 379 -29.90 28.15 -8.40
CA LEU A 379 -29.98 27.35 -7.19
C LEU A 379 -31.16 26.37 -7.27
N ASP A 380 -30.90 25.11 -6.91
CA ASP A 380 -31.97 24.14 -6.76
C ASP A 380 -33.05 24.71 -5.84
N SER A 381 -34.31 24.58 -6.25
CA SER A 381 -35.41 25.18 -5.52
C SER A 381 -35.54 24.66 -4.10
N SER A 382 -35.03 23.45 -3.83
CA SER A 382 -35.09 22.87 -2.49
C SER A 382 -34.43 23.75 -1.42
N VAL A 383 -33.46 24.59 -1.79
CA VAL A 383 -32.79 25.39 -0.77
C VAL A 383 -33.66 26.49 -0.19
N PHE A 384 -34.82 26.78 -0.79
CA PHE A 384 -35.74 27.77 -0.27
C PHE A 384 -36.92 27.14 0.45
N ASP A 385 -36.85 25.84 0.74
CA ASP A 385 -37.93 25.17 1.47
C ASP A 385 -37.98 25.62 2.91
N PHE A 386 -36.85 26.04 3.49
CA PHE A 386 -36.86 26.49 4.87
C PHE A 386 -37.84 27.64 5.08
N MET A 387 -38.03 28.49 4.07
CA MET A 387 -39.10 29.49 4.12
C MET A 387 -40.45 28.85 3.88
N LYS A 388 -40.55 28.04 2.82
CA LYS A 388 -41.84 27.57 2.31
C LYS A 388 -42.34 26.35 3.08
N ARG A 389 -42.52 26.53 4.38
CA ARG A 389 -43.30 25.58 5.15
C ARG A 389 -44.74 26.10 5.17
N VAL A 396 -51.80 34.33 5.27
CA VAL A 396 -51.60 35.75 5.01
C VAL A 396 -51.05 35.94 3.59
N VAL A 397 -51.92 36.38 2.68
CA VAL A 397 -51.57 36.50 1.26
C VAL A 397 -50.43 37.48 1.03
N LEU A 398 -50.30 38.51 1.88
CA LEU A 398 -49.13 39.39 1.78
C LEU A 398 -47.86 38.65 2.17
N GLU A 399 -47.96 37.68 3.07
CA GLU A 399 -46.80 36.98 3.55
C GLU A 399 -46.15 36.08 2.50
N ASN A 400 -46.64 36.05 1.24
CA ASN A 400 -45.82 35.52 0.15
C ASN A 400 -44.92 36.62 -0.42
N ILE A 401 -44.21 37.30 0.47
CA ILE A 401 -43.22 38.32 0.15
C ILE A 401 -41.92 37.56 -0.12
N LYS A 402 -42.05 36.23 -0.31
CA LYS A 402 -40.89 35.48 -0.82
C LYS A 402 -40.67 35.89 -2.26
N ARG A 403 -40.33 37.16 -2.41
CA ARG A 403 -39.54 37.74 -3.46
C ARG A 403 -38.06 37.59 -3.14
N LYS A 404 -37.75 37.26 -1.89
CA LYS A 404 -36.38 36.92 -1.51
C LYS A 404 -35.82 35.80 -2.36
N GLU A 405 -36.67 34.85 -2.76
CA GLU A 405 -36.18 33.73 -3.55
C GLU A 405 -35.61 34.18 -4.89
N GLN A 406 -36.35 35.04 -5.61
CA GLN A 406 -35.80 35.54 -6.87
C GLN A 406 -34.63 36.49 -6.61
N LEU A 407 -34.71 37.30 -5.55
CA LEU A 407 -33.57 38.11 -5.16
C LEU A 407 -32.34 37.23 -4.92
N MET A 408 -32.51 36.13 -4.19
CA MET A 408 -31.39 35.21 -3.99
C MET A 408 -30.92 34.64 -5.32
N GLN A 409 -31.84 34.36 -6.24
CA GLN A 409 -31.43 33.78 -7.51
C GLN A 409 -30.65 34.80 -8.34
N THR A 410 -31.03 36.06 -8.26
CA THR A 410 -30.26 37.12 -8.92
C THR A 410 -28.86 37.22 -8.33
N ILE A 411 -28.78 37.30 -6.99
CA ILE A 411 -27.48 37.38 -6.33
C ILE A 411 -26.59 36.22 -6.74
N HIS A 412 -27.19 35.03 -6.88
CA HIS A 412 -26.43 33.86 -7.31
C HIS A 412 -25.91 34.03 -8.74
N GLN A 413 -26.73 34.59 -9.64
CA GLN A 413 -26.24 34.79 -11.00
C GLN A 413 -25.10 35.80 -11.04
N ASN A 414 -25.11 36.78 -10.13
CA ASN A 414 -23.99 37.72 -10.02
C ASN A 414 -22.70 37.06 -9.58
N SER A 415 -22.75 35.80 -9.15
CA SER A 415 -21.53 35.02 -8.91
C SER A 415 -20.91 34.53 -10.20
N ALA A 416 -21.45 34.90 -11.36
CA ALA A 416 -20.88 34.54 -12.65
C ALA A 416 -19.41 34.95 -12.71
N GLY A 417 -18.53 33.98 -12.93
CA GLY A 417 -17.11 34.24 -12.91
C GLY A 417 -16.48 34.23 -11.54
N LYS A 418 -17.10 33.57 -10.57
CA LYS A 418 -16.54 33.34 -9.24
C LYS A 418 -16.68 31.87 -8.88
N ARG A 419 -15.80 31.39 -7.99
CA ARG A 419 -15.79 29.99 -7.61
C ARG A 419 -16.93 29.64 -6.68
N ARG A 420 -17.64 28.54 -6.97
CA ARG A 420 -18.79 28.11 -6.21
C ARG A 420 -18.44 26.86 -5.42
N LEU A 421 -18.51 26.97 -4.10
CA LEU A 421 -18.08 25.92 -3.19
C LEU A 421 -19.29 25.15 -2.68
N PRO A 422 -19.10 23.90 -2.26
CA PRO A 422 -20.23 23.12 -1.72
C PRO A 422 -20.67 23.64 -0.37
N LEU A 423 -21.97 23.87 -0.25
CA LEU A 423 -22.59 24.14 1.03
C LEU A 423 -23.09 22.80 1.56
N VAL A 424 -22.62 22.41 2.74
CA VAL A 424 -22.83 21.06 3.25
C VAL A 424 -23.55 21.17 4.59
N ARG A 425 -24.61 20.38 4.77
CA ARG A 425 -25.25 20.26 6.09
C ARG A 425 -24.64 19.04 6.77
N PHE A 426 -23.80 19.27 7.78
CA PHE A 426 -23.16 18.20 8.54
C PHE A 426 -24.06 17.80 9.72
N LYS A 427 -24.16 16.51 10.00
CA LYS A 427 -24.99 16.02 11.09
C LYS A 427 -24.14 15.28 12.12
N ALA A 428 -24.18 15.73 13.37
CA ALA A 428 -23.44 15.12 14.45
C ALA A 428 -24.23 13.96 15.06
N SER A 429 -23.57 13.19 15.93
CA SER A 429 -24.18 11.98 16.46
C SER A 429 -25.34 12.30 17.39
N ASP A 430 -25.32 13.46 18.03
CA ASP A 430 -26.44 13.91 18.84
C ASP A 430 -27.56 14.50 17.99
N MET A 431 -27.53 14.32 16.67
CA MET A 431 -28.53 14.80 15.71
C MET A 431 -28.48 16.31 15.45
N SER A 432 -27.64 17.08 16.14
CA SER A 432 -27.52 18.48 15.77
C SER A 432 -26.91 18.60 14.37
N THR A 433 -27.19 19.71 13.70
CA THR A 433 -26.70 19.94 12.35
C THR A 433 -26.00 21.28 12.28
N ARG A 434 -25.17 21.42 11.25
CA ARG A 434 -24.29 22.57 11.09
C ARG A 434 -24.14 22.82 9.60
N MET A 435 -24.40 24.06 9.17
CA MET A 435 -24.22 24.43 7.77
C MET A 435 -22.84 25.01 7.57
N VAL A 436 -22.09 24.45 6.61
CA VAL A 436 -20.71 24.86 6.36
C VAL A 436 -20.52 25.05 4.86
N LEU A 437 -20.09 26.25 4.46
CA LEU A 437 -19.57 26.45 3.12
C LEU A 437 -18.13 25.97 3.09
N VAL A 438 -17.86 24.85 2.44
CA VAL A 438 -16.58 24.17 2.62
C VAL A 438 -15.54 24.79 1.69
N GLU A 439 -14.48 25.35 2.29
CA GLU A 439 -13.38 26.02 1.59
C GLU A 439 -12.29 25.02 1.24
N PRO A 440 -11.49 25.28 0.20
CA PRO A 440 -10.30 24.45 -0.03
C PRO A 440 -9.36 24.50 1.16
N GLU A 441 -8.71 23.37 1.42
CA GLU A 441 -7.68 23.30 2.44
C GLU A 441 -6.36 22.94 1.78
N ASP A 442 -5.31 22.95 2.57
CA ASP A 442 -3.98 22.64 2.08
C ASP A 442 -3.40 21.53 2.94
N TRP A 443 -2.69 20.62 2.30
CA TRP A 443 -1.90 19.61 2.98
C TRP A 443 -0.48 19.70 2.46
N ALA A 444 0.49 19.43 3.34
CA ALA A 444 1.87 19.53 2.91
C ALA A 444 2.75 18.58 3.71
N ILE A 445 3.77 18.08 3.04
CA ILE A 445 4.94 17.47 3.67
C ILE A 445 6.14 18.29 3.25
N GLU A 446 6.97 18.68 4.22
CA GLU A 446 8.05 19.62 3.96
C GLU A 446 9.40 18.99 4.31
N ASP A 447 10.44 19.57 3.77
CA ASP A 447 11.80 19.12 4.08
C ASP A 447 12.32 19.96 5.26
N GLU A 448 13.62 19.82 5.54
CA GLU A 448 14.22 20.43 6.73
C GLU A 448 14.32 21.95 6.64
N ASN A 449 14.27 22.51 5.43
CA ASN A 449 14.26 23.95 5.23
C ASN A 449 12.86 24.50 4.93
N GLU A 450 11.83 23.70 5.19
CA GLU A 450 10.42 24.07 5.06
C GLU A 450 9.96 24.19 3.61
N LYS A 451 10.73 23.67 2.64
CA LYS A 451 10.20 23.60 1.27
C LYS A 451 9.26 22.41 1.17
N PRO A 452 8.09 22.55 0.52
CA PRO A 452 7.16 21.41 0.42
C PRO A 452 7.73 20.32 -0.49
N LEU A 453 7.74 19.10 0.04
CA LEU A 453 8.09 17.93 -0.78
C LEU A 453 6.89 17.41 -1.54
N VAL A 454 5.73 17.38 -0.88
CA VAL A 454 4.48 16.97 -1.47
C VAL A 454 3.40 17.90 -0.93
N SER A 455 2.53 18.40 -1.80
CA SER A 455 1.51 19.32 -1.33
C SER A 455 0.24 19.14 -2.14
N ARG A 456 -0.89 19.43 -1.51
CA ARG A 456 -2.15 19.37 -2.21
C ARG A 456 -3.07 20.46 -1.70
N VAL A 457 -3.80 21.09 -2.61
CA VAL A 457 -4.90 21.96 -2.24
C VAL A 457 -6.16 21.38 -2.83
N GLN A 458 -7.15 21.15 -1.98
CA GLN A 458 -8.38 20.46 -2.37
C GLN A 458 -9.40 20.66 -1.24
N LEU A 459 -10.67 20.52 -1.57
CA LEU A 459 -11.67 20.53 -0.51
C LEU A 459 -11.42 19.33 0.40
N PRO A 460 -11.60 19.48 1.72
CA PRO A 460 -11.37 18.36 2.65
C PRO A 460 -12.57 17.42 2.71
N LEU A 461 -12.97 16.91 1.55
CA LEU A 461 -14.19 16.12 1.44
C LEU A 461 -13.93 14.89 0.61
N MET A 462 -14.70 13.85 0.88
CA MET A 462 -14.80 12.74 -0.05
C MET A 462 -16.22 12.19 -0.01
N LEU A 463 -16.60 11.57 -1.11
CA LEU A 463 -17.87 10.88 -1.19
C LEU A 463 -17.91 9.75 -0.17
N ALA A 464 -19.08 9.58 0.46
CA ALA A 464 -19.14 8.65 1.60
C ALA A 464 -20.43 7.83 1.66
N TRP A 465 -21.11 7.58 0.55
CA TRP A 465 -22.13 6.54 0.58
C TRP A 465 -21.48 5.20 0.83
N SER A 466 -20.40 4.91 0.10
CA SER A 466 -19.59 3.73 0.31
C SER A 466 -18.46 4.02 1.29
N LEU A 467 -18.16 3.03 2.12
CA LEU A 467 -17.15 3.11 3.15
C LEU A 467 -16.25 1.90 3.04
N SER A 468 -14.96 2.07 3.36
CA SER A 468 -14.15 0.90 3.63
C SER A 468 -14.71 0.17 4.84
N ILE A 469 -14.48 -1.14 4.91
CA ILE A 469 -14.92 -1.89 6.08
C ILE A 469 -14.27 -1.34 7.35
N HIS A 470 -12.99 -0.94 7.26
CA HIS A 470 -12.32 -0.32 8.40
C HIS A 470 -13.10 0.88 8.93
N LYS A 471 -13.44 1.82 8.05
CA LYS A 471 -14.13 3.04 8.51
C LYS A 471 -15.60 2.76 8.84
N SER A 472 -16.16 1.67 8.33
CA SER A 472 -17.52 1.27 8.68
C SER A 472 -17.64 0.73 10.09
N GLN A 473 -16.54 0.29 10.69
CA GLN A 473 -16.61 -0.36 12.00
C GLN A 473 -17.14 0.61 13.04
N GLY A 474 -18.25 0.25 13.70
CA GLY A 474 -19.00 1.14 14.57
C GLY A 474 -20.31 1.64 14.00
N GLN A 475 -20.54 1.52 12.69
CA GLN A 475 -21.75 2.03 12.06
C GLN A 475 -22.90 1.04 12.17
N THR A 476 -24.13 1.57 12.12
CA THR A 476 -25.34 0.79 11.96
C THR A 476 -25.94 1.16 10.60
N LEU A 477 -26.15 0.17 9.74
CA LEU A 477 -26.46 0.39 8.33
C LEU A 477 -27.69 -0.41 7.93
N PRO A 478 -28.90 0.19 7.94
CA PRO A 478 -30.11 -0.60 7.67
C PRO A 478 -30.29 -0.99 6.21
N LYS A 479 -29.53 -0.42 5.28
CA LYS A 479 -29.60 -0.85 3.88
C LYS A 479 -28.17 -0.86 3.35
N VAL A 480 -27.60 -2.04 3.18
CA VAL A 480 -26.17 -2.08 2.92
C VAL A 480 -25.85 -3.25 1.99
N LYS A 481 -24.99 -2.98 1.01
CA LYS A 481 -24.40 -3.99 0.15
C LYS A 481 -22.95 -4.16 0.56
N VAL A 482 -22.51 -5.41 0.68
CA VAL A 482 -21.15 -5.74 1.11
C VAL A 482 -20.52 -6.62 0.05
N ASP A 483 -19.38 -6.21 -0.48
CA ASP A 483 -18.62 -7.07 -1.38
C ASP A 483 -17.32 -7.47 -0.68
N LEU A 484 -17.19 -8.75 -0.36
CA LEU A 484 -16.06 -9.31 0.38
C LEU A 484 -14.91 -9.72 -0.52
N ARG A 485 -14.92 -9.32 -1.80
CA ARG A 485 -13.99 -9.89 -2.76
C ARG A 485 -12.54 -9.71 -2.32
N ARG A 486 -12.22 -8.56 -1.71
CA ARG A 486 -10.83 -8.27 -1.40
C ARG A 486 -10.51 -8.26 0.10
N VAL A 487 -11.28 -8.99 0.92
CA VAL A 487 -10.96 -9.01 2.35
C VAL A 487 -9.61 -9.66 2.54
N PHE A 488 -8.81 -9.11 3.44
CA PHE A 488 -7.48 -9.65 3.70
C PHE A 488 -7.16 -9.74 5.19
N GLU A 489 -8.05 -9.30 6.10
CA GLU A 489 -7.77 -9.29 7.53
C GLU A 489 -8.76 -10.17 8.29
N LYS A 490 -8.29 -10.77 9.37
CA LYS A 490 -9.21 -11.45 10.30
C LYS A 490 -10.19 -10.47 10.92
N GLY A 491 -11.46 -10.87 10.98
CA GLY A 491 -12.52 -10.04 11.53
C GLY A 491 -13.12 -9.07 10.54
N GLN A 492 -12.50 -8.90 9.38
CA GLN A 492 -12.95 -7.90 8.41
C GLN A 492 -14.32 -8.28 7.85
N ALA A 493 -14.51 -9.56 7.48
CA ALA A 493 -15.81 -10.02 6.96
C ALA A 493 -16.89 -9.88 8.02
N TYR A 494 -16.55 -10.22 9.28
CA TYR A 494 -17.52 -10.11 10.37
C TYR A 494 -17.97 -8.67 10.57
N VAL A 495 -17.03 -7.73 10.59
CA VAL A 495 -17.38 -6.31 10.75
C VAL A 495 -18.39 -5.93 9.68
N ALA A 496 -18.09 -6.28 8.43
CA ALA A 496 -18.92 -5.83 7.32
C ALA A 496 -20.35 -6.36 7.45
N LEU A 497 -20.50 -7.67 7.69
CA LEU A 497 -21.84 -8.26 7.72
C LEU A 497 -22.62 -7.82 8.95
N SER A 498 -21.92 -7.53 10.06
CA SER A 498 -22.59 -7.12 11.27
C SER A 498 -22.95 -5.63 11.31
N ARG A 499 -22.66 -4.88 10.25
CA ARG A 499 -23.21 -3.53 10.13
C ARG A 499 -24.71 -3.57 9.87
N ALA A 500 -25.20 -4.66 9.29
CA ALA A 500 -26.58 -4.71 8.79
C ALA A 500 -27.57 -4.74 9.97
N VAL A 501 -28.78 -4.25 9.72
CA VAL A 501 -29.85 -4.35 10.71
C VAL A 501 -30.69 -5.60 10.44
N SER A 502 -31.28 -5.69 9.25
CA SER A 502 -32.08 -6.84 8.87
C SER A 502 -31.44 -7.58 7.71
N ARG A 503 -31.73 -8.88 7.62
CA ARG A 503 -31.27 -9.63 6.45
C ARG A 503 -31.86 -9.05 5.17
N GLU A 504 -33.11 -8.54 5.24
CA GLU A 504 -33.73 -7.97 4.04
C GLU A 504 -33.01 -6.73 3.55
N GLY A 505 -32.34 -6.01 4.44
CA GLY A 505 -31.61 -4.83 4.05
C GLY A 505 -30.12 -5.11 3.88
N LEU A 506 -29.75 -6.37 3.63
CA LEU A 506 -28.35 -6.74 3.42
C LEU A 506 -28.17 -7.51 2.13
N GLN A 507 -27.21 -7.08 1.32
CA GLN A 507 -26.72 -7.90 0.20
C GLN A 507 -25.24 -8.23 0.44
N VAL A 508 -24.87 -9.48 0.20
CA VAL A 508 -23.51 -9.96 0.40
C VAL A 508 -23.03 -10.55 -0.93
N LEU A 509 -21.92 -10.02 -1.46
CA LEU A 509 -21.27 -10.61 -2.62
C LEU A 509 -19.94 -11.24 -2.22
N ASN A 510 -19.64 -12.39 -2.82
CA ASN A 510 -18.33 -13.04 -2.77
C ASN A 510 -18.02 -13.58 -1.38
N PHE A 511 -19.05 -14.07 -0.69
CA PHE A 511 -18.89 -14.74 0.58
C PHE A 511 -18.01 -15.98 0.43
N ASP A 512 -16.98 -16.08 1.25
CA ASP A 512 -16.10 -17.25 1.27
C ASP A 512 -15.81 -17.62 2.71
N ARG A 513 -16.31 -18.77 3.15
CA ARG A 513 -16.15 -19.21 4.53
C ARG A 513 -14.68 -19.48 4.90
N THR A 514 -13.81 -19.78 3.93
CA THR A 514 -12.40 -19.99 4.24
C THR A 514 -11.68 -18.70 4.63
N ARG A 515 -12.25 -17.54 4.33
CA ARG A 515 -11.63 -16.26 4.65
C ARG A 515 -12.25 -15.61 5.89
N ILE A 516 -12.89 -16.41 6.73
CA ILE A 516 -13.55 -15.92 7.95
C ILE A 516 -13.00 -16.77 9.08
N LYS A 517 -11.94 -16.26 9.73
CA LYS A 517 -11.27 -16.99 10.81
C LYS A 517 -10.79 -16.00 11.86
N ALA A 518 -11.01 -16.35 13.12
CA ALA A 518 -10.71 -15.45 14.23
C ALA A 518 -9.28 -15.64 14.71
N HIS A 519 -8.77 -14.63 15.40
CA HIS A 519 -7.41 -14.66 15.88
C HIS A 519 -7.35 -15.44 17.20
N GLN A 520 -6.43 -16.41 17.27
CA GLN A 520 -6.34 -17.27 18.45
C GLN A 520 -6.03 -16.46 19.71
N LYS A 521 -5.20 -15.42 19.58
CA LYS A 521 -4.91 -14.57 20.73
C LYS A 521 -6.16 -13.92 21.27
N VAL A 522 -7.11 -13.57 20.40
CA VAL A 522 -8.35 -12.98 20.89
C VAL A 522 -9.23 -14.04 21.55
N ILE A 523 -9.33 -15.22 20.95
CA ILE A 523 -10.05 -16.32 21.59
C ILE A 523 -9.51 -16.54 23.00
N ASP A 524 -8.17 -16.63 23.13
CA ASP A 524 -7.53 -16.81 24.44
C ASP A 524 -7.86 -15.66 25.38
N PHE A 525 -7.71 -14.41 24.90
CA PHE A 525 -7.94 -13.25 25.76
C PHE A 525 -9.38 -13.22 26.27
N TYR A 526 -10.34 -13.59 25.43
CA TYR A 526 -11.74 -13.44 25.84
C TYR A 526 -12.16 -14.46 26.88
N LEU A 527 -11.41 -15.55 27.04
CA LEU A 527 -11.69 -16.45 28.17
C LEU A 527 -11.29 -15.86 29.52
N THR A 528 -10.57 -14.74 29.56
CA THR A 528 -10.18 -14.12 30.81
C THR A 528 -11.11 -12.98 31.22
N LEU A 529 -12.16 -12.71 30.47
CA LEU A 529 -13.01 -11.55 30.73
C LEU A 529 -14.17 -11.90 31.66
N SER A 530 -14.62 -10.88 32.41
CA SER A 530 -15.66 -11.06 33.42
C SER A 530 -17.03 -10.67 32.86
N SER A 531 -18.05 -11.32 33.38
CA SER A 531 -19.42 -11.17 32.92
C SER A 531 -20.07 -9.90 33.49
N ALA A 532 -21.27 -9.62 33.00
CA ALA A 532 -22.04 -8.53 33.58
C ALA A 532 -22.52 -8.86 35.00
N GLU A 533 -22.69 -10.15 35.31
CA GLU A 533 -23.07 -10.54 36.66
C GLU A 533 -21.97 -10.23 37.66
N SER A 534 -20.71 -10.43 37.26
CA SER A 534 -19.61 -10.01 38.13
C SER A 534 -19.55 -8.49 38.25
N ALA A 535 -20.05 -7.77 37.24
CA ALA A 535 -20.12 -6.31 37.34
C ALA A 535 -21.10 -5.87 38.42
N TYR A 536 -22.27 -6.53 38.50
CA TYR A 536 -23.20 -6.23 39.59
C TYR A 536 -22.58 -6.50 40.94
N LYS A 537 -21.77 -7.55 41.05
CA LYS A 537 -21.12 -7.85 42.33
C LYS A 537 -20.13 -6.77 42.69
N GLN A 538 -19.42 -6.22 41.71
CA GLN A 538 -18.53 -5.09 42.00
C GLN A 538 -19.33 -3.88 42.47
N LEU A 539 -20.49 -3.63 41.85
CA LEU A 539 -21.27 -2.44 42.19
C LEU A 539 -21.81 -2.52 43.62
N GLU A 540 -22.35 -3.68 44.02
CA GLU A 540 -22.80 -3.81 45.40
C GLU A 540 -21.63 -3.74 46.36
N ALA A 541 -20.46 -4.24 45.95
CA ALA A 541 -19.24 -4.04 46.73
C ALA A 541 -18.87 -2.57 46.81
N ASP A 542 -19.15 -1.80 45.74
CA ASP A 542 -18.80 -0.38 45.75
C ASP A 542 -19.66 0.40 46.73
N GLU A 543 -20.95 0.07 46.80
CA GLU A 543 -21.89 0.87 47.59
C GLU A 543 -22.44 0.09 48.77
N LEU B 2 13.28 -25.51 -31.51
CA LEU B 2 13.23 -26.78 -32.22
C LEU B 2 12.04 -26.83 -33.16
N SER B 3 10.86 -26.42 -32.70
CA SER B 3 9.67 -26.64 -33.50
C SER B 3 9.70 -25.76 -34.75
N LYS B 4 9.03 -26.25 -35.81
CA LYS B 4 8.88 -25.46 -37.02
C LYS B 4 8.29 -24.09 -36.73
N GLU B 5 7.33 -24.05 -35.80
CA GLU B 5 6.70 -22.79 -35.40
C GLU B 5 7.70 -21.86 -34.72
N GLN B 6 8.53 -22.41 -33.82
CA GLN B 6 9.57 -21.61 -33.18
C GLN B 6 10.61 -21.09 -34.19
N GLU B 7 11.03 -21.94 -35.13
CA GLU B 7 12.05 -21.49 -36.09
C GLU B 7 11.51 -20.39 -36.99
N SER B 8 10.22 -20.44 -37.35
CA SER B 8 9.69 -19.45 -38.29
C SER B 8 9.62 -18.07 -37.67
N ILE B 9 9.37 -18.00 -36.36
CA ILE B 9 9.45 -16.72 -35.67
C ILE B 9 10.86 -16.15 -35.77
N ILE B 10 11.88 -17.01 -35.62
CA ILE B 10 13.26 -16.56 -35.75
C ILE B 10 13.52 -16.05 -37.16
N LYS B 11 12.98 -16.74 -38.15
CA LYS B 11 13.19 -16.37 -39.54
C LYS B 11 12.56 -15.03 -39.86
N LEU B 12 11.38 -14.75 -39.30
CA LEU B 12 10.73 -13.46 -39.50
C LEU B 12 11.57 -12.33 -38.92
N ALA B 13 12.05 -12.51 -37.69
CA ALA B 13 12.92 -11.52 -37.07
C ALA B 13 14.18 -11.33 -37.88
N GLU B 14 14.81 -12.42 -38.29
CA GLU B 14 15.99 -12.31 -39.12
C GLU B 14 15.70 -11.47 -40.35
N ASN B 15 14.51 -11.65 -40.94
CA ASN B 15 14.10 -10.92 -42.14
C ASN B 15 13.77 -9.44 -41.86
N GLY B 16 13.81 -8.98 -40.62
CA GLY B 16 13.73 -7.57 -40.33
C GLY B 16 12.39 -7.07 -39.80
N HIS B 17 11.39 -7.93 -39.66
CA HIS B 17 10.06 -7.50 -39.25
C HIS B 17 10.00 -7.11 -37.78
N ASN B 18 9.17 -6.11 -37.49
CA ASN B 18 8.76 -5.79 -36.12
C ASN B 18 7.69 -6.77 -35.68
N ILE B 19 8.00 -7.52 -34.61
CA ILE B 19 7.27 -8.73 -34.25
C ILE B 19 6.79 -8.62 -32.80
N PHE B 20 5.53 -8.97 -32.57
CA PHE B 20 5.08 -9.45 -31.26
C PHE B 20 4.76 -10.93 -31.37
N TYR B 21 5.31 -11.75 -30.49
CA TYR B 21 4.92 -13.15 -30.50
C TYR B 21 4.62 -13.63 -29.09
N THR B 22 3.75 -14.63 -29.03
CA THR B 22 3.09 -14.95 -27.78
C THR B 22 2.72 -16.42 -27.75
N GLY B 23 2.08 -16.81 -26.65
CA GLY B 23 1.65 -18.18 -26.44
C GLY B 23 1.52 -18.43 -24.95
N SER B 24 0.86 -19.55 -24.64
CA SER B 24 0.67 -19.96 -23.25
C SER B 24 2.02 -20.06 -22.56
N ALA B 25 1.99 -20.00 -21.23
CA ALA B 25 3.18 -20.27 -20.43
C ALA B 25 3.87 -21.54 -20.90
N GLY B 26 5.19 -21.46 -21.03
CA GLY B 26 5.94 -22.67 -21.29
C GLY B 26 5.88 -23.16 -22.72
N THR B 27 5.52 -22.29 -23.67
CA THR B 27 5.52 -22.67 -25.09
C THR B 27 6.89 -22.42 -25.76
N GLY B 28 7.92 -22.07 -25.00
CA GLY B 28 9.25 -21.93 -25.57
C GLY B 28 9.55 -20.58 -26.14
N LYS B 29 8.81 -19.54 -25.75
CA LYS B 29 9.04 -18.20 -26.28
C LYS B 29 10.45 -17.70 -25.94
N SER B 30 10.89 -17.95 -24.71
CA SER B 30 12.18 -17.45 -24.26
C SER B 30 13.33 -18.32 -24.74
N ILE B 31 13.09 -19.63 -24.86
CA ILE B 31 14.12 -20.49 -25.44
C ILE B 31 14.38 -20.09 -26.88
N LEU B 32 13.32 -19.77 -27.64
CA LEU B 32 13.60 -19.39 -29.03
C LEU B 32 14.20 -18.00 -29.08
N LEU B 33 13.87 -17.16 -28.09
CA LEU B 33 14.43 -15.81 -28.04
C LEU B 33 15.95 -15.85 -27.92
N ARG B 34 16.46 -16.84 -27.17
CA ARG B 34 17.91 -16.96 -26.96
C ARG B 34 18.64 -17.22 -28.28
N GLU B 35 18.08 -18.08 -29.14
CA GLU B 35 18.69 -18.34 -30.45
C GLU B 35 18.50 -17.15 -31.38
N MET B 36 17.30 -16.55 -31.37
CA MET B 36 17.06 -15.37 -32.20
C MET B 36 18.03 -14.24 -31.87
N ILE B 37 18.36 -14.06 -30.57
CA ILE B 37 19.29 -12.99 -30.18
C ILE B 37 20.64 -13.21 -30.85
N LYS B 38 21.09 -14.47 -30.94
CA LYS B 38 22.35 -14.77 -31.61
C LYS B 38 22.32 -14.33 -33.06
N VAL B 39 21.19 -14.58 -33.73
CA VAL B 39 21.08 -14.26 -35.14
C VAL B 39 21.10 -12.76 -35.34
N LEU B 40 20.33 -12.03 -34.52
CA LEU B 40 20.30 -10.58 -34.61
C LEU B 40 21.67 -9.96 -34.33
N LYS B 41 22.42 -10.53 -33.37
CA LYS B 41 23.76 -10.02 -33.11
C LYS B 41 24.67 -10.19 -34.32
N GLY B 42 24.50 -11.30 -35.06
CA GLY B 42 25.30 -11.49 -36.26
C GLY B 42 24.87 -10.59 -37.40
N ILE B 43 23.64 -10.08 -37.35
CA ILE B 43 23.17 -9.14 -38.36
C ILE B 43 23.60 -7.72 -38.00
N TYR B 44 23.30 -7.29 -36.76
CA TYR B 44 23.49 -5.91 -36.36
C TYR B 44 24.82 -5.62 -35.67
N GLY B 45 25.48 -6.63 -35.11
CA GLY B 45 26.66 -6.41 -34.28
C GLY B 45 26.31 -6.76 -32.83
N ARG B 46 27.27 -7.38 -32.14
CA ARG B 46 27.03 -7.93 -30.80
C ARG B 46 26.51 -6.88 -29.83
N GLU B 47 27.05 -5.67 -29.88
CA GLU B 47 26.64 -4.59 -28.98
C GLU B 47 25.40 -3.86 -29.46
N ASN B 48 24.85 -4.24 -30.61
CA ASN B 48 23.81 -3.45 -31.25
C ASN B 48 22.45 -4.14 -31.19
N VAL B 49 22.31 -5.11 -30.28
CA VAL B 49 21.03 -5.74 -30.00
C VAL B 49 20.76 -5.57 -28.52
N ALA B 50 19.75 -4.77 -28.18
CA ALA B 50 19.37 -4.54 -26.80
C ALA B 50 18.51 -5.71 -26.32
N VAL B 51 18.98 -6.43 -25.31
CA VAL B 51 18.28 -7.59 -24.78
C VAL B 51 17.69 -7.21 -23.42
N THR B 52 16.37 -7.15 -23.32
CA THR B 52 15.73 -6.62 -22.11
C THR B 52 14.48 -7.41 -21.77
N ALA B 53 13.99 -7.17 -20.55
CA ALA B 53 12.71 -7.70 -20.09
C ALA B 53 12.19 -6.79 -18.99
N SER B 54 10.95 -7.08 -18.57
CA SER B 54 10.22 -6.20 -17.66
C SER B 54 10.72 -6.32 -16.23
N THR B 55 11.21 -7.49 -15.82
CA THR B 55 11.84 -7.67 -14.53
C THR B 55 13.29 -8.09 -14.69
N GLY B 56 14.07 -7.85 -13.62
CA GLY B 56 15.48 -8.23 -13.66
C GLY B 56 15.69 -9.72 -13.82
N LEU B 57 14.96 -10.51 -13.04
CA LEU B 57 15.11 -11.97 -13.15
C LEU B 57 14.65 -12.47 -14.52
N ALA B 58 13.56 -11.90 -15.07
CA ALA B 58 13.15 -12.33 -16.42
C ALA B 58 14.20 -11.94 -17.45
N ALA B 59 14.83 -10.78 -17.26
CA ALA B 59 15.90 -10.34 -18.18
C ALA B 59 17.08 -11.28 -18.12
N CYS B 60 17.52 -11.67 -16.91
CA CYS B 60 18.66 -12.56 -16.77
C CYS B 60 18.41 -13.91 -17.45
N ASN B 61 17.15 -14.33 -17.51
CA ASN B 61 16.79 -15.60 -18.16
C ASN B 61 17.21 -15.62 -19.64
N ILE B 62 17.34 -14.46 -20.28
CA ILE B 62 17.76 -14.38 -21.68
C ILE B 62 19.07 -13.61 -21.83
N GLY B 63 19.86 -13.50 -20.77
CA GLY B 63 21.14 -12.82 -20.83
C GLY B 63 21.03 -11.31 -20.98
N GLY B 64 19.91 -10.71 -20.55
CA GLY B 64 19.75 -9.29 -20.72
C GLY B 64 19.58 -8.54 -19.41
N ILE B 65 19.08 -7.31 -19.49
CA ILE B 65 18.95 -6.40 -18.36
C ILE B 65 17.53 -5.84 -18.39
N THR B 66 17.13 -5.13 -17.34
CA THR B 66 15.79 -4.56 -17.36
C THR B 66 15.69 -3.52 -18.47
N ILE B 67 14.49 -3.41 -19.06
CA ILE B 67 14.25 -2.35 -20.04
C ILE B 67 14.54 -0.98 -19.44
N HIS B 68 14.18 -0.79 -18.15
CA HIS B 68 14.45 0.51 -17.51
C HIS B 68 15.94 0.80 -17.47
N SER B 69 16.73 -0.20 -17.11
CA SER B 69 18.16 0.03 -17.01
C SER B 69 18.76 0.26 -18.39
N PHE B 70 18.39 -0.57 -19.37
CA PHE B 70 18.86 -0.33 -20.72
C PHE B 70 18.50 1.08 -21.18
N ALA B 71 17.26 1.50 -20.94
CA ALA B 71 16.78 2.74 -21.54
C ALA B 71 17.47 3.97 -20.95
N GLY B 72 17.90 3.88 -19.69
CA GLY B 72 18.44 5.02 -18.97
C GLY B 72 17.41 5.91 -18.31
N ILE B 73 16.18 5.42 -18.11
CA ILE B 73 15.08 6.27 -17.67
C ILE B 73 14.83 6.18 -16.16
N GLY B 74 15.65 5.44 -15.43
CA GLY B 74 15.38 5.25 -14.00
C GLY B 74 14.06 4.53 -13.78
N LEU B 75 13.27 5.02 -12.82
CA LEU B 75 11.94 4.46 -12.60
C LEU B 75 11.00 4.75 -13.76
N GLY B 76 11.30 5.72 -14.61
CA GLY B 76 10.56 5.91 -15.85
C GLY B 76 9.11 6.35 -15.70
N LYS B 77 8.84 7.23 -14.73
CA LYS B 77 7.48 7.68 -14.47
C LYS B 77 7.21 9.11 -14.94
N GLY B 78 8.24 9.92 -15.12
CA GLY B 78 8.04 11.27 -15.65
C GLY B 78 7.47 11.23 -17.06
N ASP B 79 7.06 12.40 -17.53
CA ASP B 79 6.52 12.44 -18.89
C ASP B 79 7.66 12.34 -19.91
N ALA B 80 7.29 12.15 -21.18
CA ALA B 80 8.27 11.75 -22.19
C ALA B 80 9.41 12.75 -22.30
N ASP B 81 9.12 14.05 -22.21
CA ASP B 81 10.19 15.02 -22.42
C ASP B 81 11.17 15.02 -21.26
N LYS B 82 10.68 14.81 -20.03
CA LYS B 82 11.58 14.67 -18.88
C LYS B 82 12.53 13.49 -19.06
N LEU B 83 11.98 12.33 -19.44
CA LEU B 83 12.82 11.15 -19.62
C LEU B 83 13.81 11.31 -20.77
N TYR B 84 13.36 11.88 -21.89
CA TYR B 84 14.26 12.08 -23.03
C TYR B 84 15.49 12.90 -22.64
N LYS B 85 15.26 14.00 -21.93
CA LYS B 85 16.36 14.82 -21.45
C LYS B 85 17.29 14.02 -20.53
N LYS B 86 16.73 13.20 -19.64
CA LYS B 86 17.54 12.37 -18.76
C LYS B 86 18.39 11.39 -19.55
N VAL B 87 17.79 10.70 -20.51
CA VAL B 87 18.54 9.74 -21.32
C VAL B 87 19.67 10.45 -22.07
N ARG B 88 19.36 11.52 -22.81
CA ARG B 88 20.38 12.15 -23.65
C ARG B 88 21.46 12.84 -22.84
N ARG B 89 21.13 13.28 -21.62
CA ARG B 89 22.14 13.78 -20.69
C ARG B 89 23.15 12.70 -20.29
N SER B 90 22.84 11.43 -20.50
CA SER B 90 23.76 10.33 -20.22
C SER B 90 24.36 9.82 -21.53
N ARG B 91 25.69 9.86 -21.63
CA ARG B 91 26.35 9.57 -22.91
C ARG B 91 26.29 8.10 -23.28
N LYS B 92 26.42 7.20 -22.29
CA LYS B 92 26.33 5.77 -22.57
C LYS B 92 24.96 5.42 -23.13
N HIS B 93 23.90 5.92 -22.50
CA HIS B 93 22.55 5.56 -22.94
C HIS B 93 22.19 6.26 -24.24
N LEU B 94 22.70 7.49 -24.45
CA LEU B 94 22.45 8.15 -25.72
C LEU B 94 23.09 7.38 -26.87
N ARG B 95 24.32 6.89 -26.68
CA ARG B 95 24.99 6.13 -27.73
C ARG B 95 24.29 4.80 -28.00
N ARG B 96 23.80 4.14 -26.94
CA ARG B 96 23.00 2.93 -27.12
C ARG B 96 21.79 3.19 -27.99
N TRP B 97 21.00 4.22 -27.64
CA TRP B 97 19.80 4.51 -28.41
C TRP B 97 20.15 4.86 -29.86
N GLU B 98 21.32 5.45 -30.09
CA GLU B 98 21.75 5.73 -31.45
C GLU B 98 22.21 4.45 -32.17
N ASN B 99 22.86 3.54 -31.45
CA ASN B 99 23.60 2.48 -32.13
C ASN B 99 22.81 1.18 -32.35
N ILE B 100 21.91 0.79 -31.44
CA ILE B 100 21.29 -0.52 -31.59
C ILE B 100 20.43 -0.57 -32.86
N GLY B 101 20.35 -1.76 -33.44
CA GLY B 101 19.46 -1.98 -34.57
C GLY B 101 18.23 -2.79 -34.20
N ALA B 102 18.23 -3.36 -33.00
CA ALA B 102 17.11 -4.18 -32.56
C ALA B 102 16.95 -4.07 -31.05
N LEU B 103 15.69 -4.04 -30.62
CA LEU B 103 15.29 -3.99 -29.21
C LEU B 103 14.44 -5.21 -28.92
N VAL B 104 14.93 -6.07 -28.04
CA VAL B 104 14.25 -7.27 -27.61
C VAL B 104 13.64 -7.00 -26.24
N VAL B 105 12.33 -7.23 -26.09
CA VAL B 105 11.65 -7.02 -24.80
C VAL B 105 10.88 -8.30 -24.45
N ASP B 106 11.37 -9.04 -23.47
CA ASP B 106 10.67 -10.23 -23.01
C ASP B 106 9.77 -9.90 -21.81
N GLU B 107 8.85 -10.81 -21.49
CA GLU B 107 7.81 -10.63 -20.49
C GLU B 107 7.14 -9.28 -20.62
N ILE B 108 6.73 -8.97 -21.85
CA ILE B 108 6.20 -7.64 -22.12
C ILE B 108 4.86 -7.36 -21.42
N SER B 109 4.17 -8.38 -20.88
CA SER B 109 2.88 -8.09 -20.26
C SER B 109 2.98 -7.18 -19.03
N MET B 110 4.14 -7.09 -18.38
CA MET B 110 4.26 -6.23 -17.20
C MET B 110 4.69 -4.81 -17.53
N LEU B 111 4.78 -4.45 -18.81
CA LEU B 111 5.10 -3.08 -19.23
C LEU B 111 3.82 -2.32 -19.59
N ASP B 112 3.63 -1.17 -18.95
CA ASP B 112 2.48 -0.29 -19.22
C ASP B 112 2.58 0.31 -20.63
N ALA B 113 1.41 0.57 -21.22
CA ALA B 113 1.34 1.25 -22.51
C ALA B 113 1.99 2.62 -22.47
N GLU B 114 1.85 3.36 -21.35
CA GLU B 114 2.43 4.70 -21.32
C GLU B 114 3.95 4.66 -21.36
N LEU B 115 4.56 3.56 -20.87
CA LEU B 115 6.02 3.44 -20.95
C LEU B 115 6.47 3.19 -22.39
N LEU B 116 5.75 2.32 -23.11
CA LEU B 116 6.05 2.11 -24.52
C LEU B 116 5.92 3.40 -25.32
N ASP B 117 4.91 4.22 -25.03
CA ASP B 117 4.80 5.51 -25.74
C ASP B 117 6.01 6.39 -25.46
N LYS B 118 6.50 6.38 -24.22
CA LYS B 118 7.63 7.23 -23.85
C LYS B 118 8.93 6.72 -24.48
N LEU B 119 9.13 5.40 -24.52
CA LEU B 119 10.31 4.85 -25.18
C LEU B 119 10.29 5.16 -26.67
N ASP B 120 9.10 5.09 -27.28
CA ASP B 120 8.93 5.43 -28.68
C ASP B 120 9.39 6.86 -28.94
N PHE B 121 8.87 7.80 -28.15
CA PHE B 121 9.25 9.20 -28.22
C PHE B 121 10.77 9.38 -28.11
N ILE B 122 11.38 8.70 -27.14
CA ILE B 122 12.82 8.85 -26.92
C ILE B 122 13.60 8.33 -28.12
N ALA B 123 13.18 7.20 -28.67
CA ALA B 123 13.91 6.62 -29.78
C ALA B 123 13.83 7.50 -31.02
N ARG B 124 12.65 8.03 -31.32
CA ARG B 124 12.47 8.87 -32.50
C ARG B 124 13.33 10.14 -32.40
N LYS B 125 13.33 10.78 -31.23
CA LYS B 125 14.07 12.02 -31.07
C LYS B 125 15.58 11.79 -31.14
N ILE B 126 16.07 10.79 -30.38
CA ILE B 126 17.51 10.54 -30.34
C ILE B 126 18.04 10.16 -31.72
N ARG B 127 17.32 9.32 -32.44
CA ARG B 127 17.78 8.85 -33.74
C ARG B 127 17.36 9.74 -34.91
N LYS B 128 16.62 10.83 -34.64
CA LYS B 128 16.24 11.80 -35.66
C LYS B 128 15.54 11.12 -36.84
N ASN B 129 14.52 10.35 -36.50
CA ASN B 129 13.92 9.37 -37.42
C ASN B 129 12.47 9.20 -37.01
N HIS B 130 11.55 9.45 -37.94
CA HIS B 130 10.13 9.47 -37.62
C HIS B 130 9.45 8.10 -37.74
N GLN B 131 10.21 7.05 -37.97
CA GLN B 131 9.65 5.70 -37.98
C GLN B 131 9.36 5.25 -36.54
N PRO B 132 8.55 4.21 -36.38
CA PRO B 132 8.30 3.67 -35.03
C PRO B 132 9.60 3.32 -34.31
N PHE B 133 9.74 3.84 -33.09
CA PHE B 133 10.96 3.66 -32.28
C PHE B 133 12.21 4.06 -33.05
N GLY B 134 12.08 5.05 -33.93
CA GLY B 134 13.23 5.55 -34.67
C GLY B 134 13.83 4.56 -35.65
N GLY B 135 13.06 3.57 -36.08
CA GLY B 135 13.57 2.56 -36.98
C GLY B 135 14.23 1.38 -36.30
N ILE B 136 14.27 1.36 -34.96
CA ILE B 136 14.78 0.18 -34.27
C ILE B 136 13.85 -0.98 -34.56
N GLN B 137 14.44 -2.13 -34.89
CA GLN B 137 13.59 -3.29 -35.12
C GLN B 137 13.08 -3.80 -33.75
N LEU B 138 11.79 -4.10 -33.69
CA LEU B 138 11.14 -4.46 -32.44
C LEU B 138 10.90 -5.97 -32.39
N ILE B 139 11.30 -6.60 -31.30
CA ILE B 139 10.88 -7.98 -31.00
C ILE B 139 10.28 -7.93 -29.60
N PHE B 140 8.95 -7.95 -29.53
CA PHE B 140 8.22 -8.01 -28.29
C PHE B 140 7.74 -9.43 -28.06
N CYS B 141 7.88 -9.90 -26.82
CA CYS B 141 7.56 -11.28 -26.47
C CYS B 141 6.89 -11.36 -25.11
N GLY B 142 5.88 -12.20 -24.98
CA GLY B 142 5.23 -12.39 -23.69
C GLY B 142 3.83 -12.94 -23.85
N ASP B 143 3.09 -12.90 -22.73
CA ASP B 143 1.75 -13.47 -22.66
C ASP B 143 0.91 -12.55 -21.78
N PHE B 144 -0.07 -11.88 -22.38
CA PHE B 144 -0.88 -10.95 -21.60
C PHE B 144 -1.91 -11.64 -20.70
N PHE B 145 -2.05 -12.97 -20.77
CA PHE B 145 -2.81 -13.70 -19.76
C PHE B 145 -2.00 -13.94 -18.48
N GLN B 146 -0.72 -13.56 -18.48
CA GLN B 146 0.16 -13.56 -17.31
C GLN B 146 0.05 -12.18 -16.66
N LEU B 147 0.98 -11.84 -15.76
CA LEU B 147 0.77 -10.69 -14.89
C LEU B 147 0.66 -9.37 -15.67
N PRO B 148 -0.20 -8.46 -15.23
CA PRO B 148 -0.30 -7.14 -15.84
C PRO B 148 0.73 -6.19 -15.24
N PRO B 149 0.84 -4.96 -15.76
CA PRO B 149 1.78 -4.00 -15.18
C PRO B 149 1.39 -3.58 -13.78
N VAL B 150 2.40 -3.37 -12.93
CA VAL B 150 2.22 -2.91 -11.56
C VAL B 150 2.16 -1.40 -11.52
N SER B 151 1.09 -0.84 -10.94
CA SER B 151 1.08 0.59 -10.65
C SER B 151 0.51 0.86 -9.27
N LYS B 152 1.22 1.69 -8.50
CA LYS B 152 0.75 2.24 -7.23
C LYS B 152 0.15 3.65 -7.41
N ASP B 153 -0.41 3.93 -8.59
CA ASP B 153 -1.07 5.21 -8.84
C ASP B 153 -2.55 5.06 -8.51
N PRO B 154 -3.07 5.77 -7.50
CA PRO B 154 -4.51 5.68 -7.20
C PRO B 154 -5.38 6.23 -8.32
N ASN B 155 -4.87 7.13 -9.15
CA ASN B 155 -5.71 7.90 -10.06
C ASN B 155 -5.77 7.33 -11.47
N ARG B 156 -4.67 6.80 -12.01
CA ARG B 156 -4.68 6.32 -13.38
C ARG B 156 -4.52 4.80 -13.42
N PRO B 157 -5.49 4.08 -13.98
CA PRO B 157 -5.35 2.63 -14.11
C PRO B 157 -4.36 2.26 -15.20
N THR B 158 -3.69 1.14 -15.01
CA THR B 158 -2.71 0.67 -15.99
C THR B 158 -3.38 0.36 -17.33
N LYS B 159 -2.65 0.59 -18.41
CA LYS B 159 -3.05 0.19 -19.75
C LYS B 159 -2.11 -0.92 -20.21
N PHE B 160 -2.66 -1.99 -20.78
CA PHE B 160 -1.81 -3.05 -21.33
C PHE B 160 -0.97 -2.49 -22.47
N ALA B 161 0.21 -3.11 -22.69
CA ALA B 161 1.12 -2.62 -23.73
C ALA B 161 0.45 -2.52 -25.10
N PHE B 162 -0.43 -3.48 -25.44
CA PHE B 162 -1.04 -3.48 -26.76
C PHE B 162 -2.04 -2.34 -26.99
N GLU B 163 -2.42 -1.61 -25.94
CA GLU B 163 -3.30 -0.46 -26.12
C GLU B 163 -2.55 0.80 -26.56
N SER B 164 -1.22 0.81 -26.51
CA SER B 164 -0.47 2.03 -26.83
C SER B 164 -0.42 2.30 -28.34
N LYS B 165 -0.52 3.59 -28.70
CA LYS B 165 -0.26 4.03 -30.06
C LYS B 165 1.08 3.49 -30.56
N ALA B 166 2.12 3.49 -29.71
CA ALA B 166 3.43 2.99 -30.12
C ALA B 166 3.37 1.54 -30.57
N TRP B 167 2.63 0.70 -29.84
CA TRP B 167 2.47 -0.70 -30.21
C TRP B 167 1.66 -0.85 -31.49
N LYS B 168 0.55 -0.13 -31.60
CA LYS B 168 -0.32 -0.27 -32.77
C LYS B 168 0.38 0.18 -34.04
N GLU B 169 1.29 1.16 -33.94
CA GLU B 169 1.99 1.65 -35.12
C GLU B 169 3.29 0.92 -35.36
N GLY B 170 3.90 0.34 -34.33
CA GLY B 170 5.18 -0.33 -34.46
C GLY B 170 5.09 -1.82 -34.70
N VAL B 171 4.14 -2.48 -34.05
CA VAL B 171 4.01 -3.93 -34.12
C VAL B 171 3.32 -4.26 -35.43
N LYS B 172 4.08 -4.78 -36.39
CA LYS B 172 3.56 -5.03 -37.72
C LYS B 172 3.06 -6.46 -37.90
N MET B 173 3.32 -7.36 -36.96
CA MET B 173 3.21 -8.79 -37.24
C MET B 173 3.13 -9.54 -35.91
N THR B 174 2.13 -10.41 -35.78
CA THR B 174 1.93 -11.18 -34.55
C THR B 174 1.94 -12.68 -34.83
N ILE B 175 2.57 -13.45 -33.95
CA ILE B 175 2.66 -14.89 -34.07
C ILE B 175 2.31 -15.53 -32.73
N MET B 176 1.52 -16.59 -32.79
CA MET B 176 1.03 -17.30 -31.61
C MET B 176 1.55 -18.72 -31.63
N LEU B 177 2.24 -19.12 -30.56
CA LEU B 177 2.69 -20.49 -30.38
C LEU B 177 1.63 -21.29 -29.63
N GLN B 178 1.55 -22.60 -29.91
CA GLN B 178 0.50 -23.41 -29.29
C GLN B 178 1.02 -24.58 -28.47
N LYS B 179 2.10 -25.24 -28.88
CA LYS B 179 2.53 -26.43 -28.17
C LYS B 179 3.21 -26.04 -26.86
N VAL B 180 2.69 -26.56 -25.75
CA VAL B 180 3.27 -26.31 -24.43
C VAL B 180 4.36 -27.34 -24.17
N PHE B 181 5.60 -26.87 -23.98
CA PHE B 181 6.75 -27.73 -23.73
C PHE B 181 7.05 -27.98 -22.25
N ARG B 182 6.81 -27.00 -21.37
CA ARG B 182 7.33 -27.08 -19.99
C ARG B 182 6.76 -28.29 -19.24
N GLN B 183 5.46 -28.54 -19.37
CA GLN B 183 4.79 -29.66 -18.73
C GLN B 183 4.60 -30.84 -19.69
N ARG B 184 5.57 -31.03 -20.59
CA ARG B 184 5.47 -31.97 -21.72
C ARG B 184 4.83 -33.31 -21.36
N GLY B 185 5.38 -34.01 -20.37
CA GLY B 185 4.95 -35.38 -20.13
C GLY B 185 3.63 -35.57 -19.42
N ASP B 186 2.86 -34.50 -19.21
CA ASP B 186 1.60 -34.58 -18.46
C ASP B 186 0.56 -33.74 -19.22
N VAL B 187 -0.17 -34.41 -20.11
CA VAL B 187 -1.09 -33.73 -21.03
C VAL B 187 -2.29 -33.17 -20.29
N LYS B 188 -2.76 -33.85 -19.25
CA LYS B 188 -3.90 -33.37 -18.48
C LYS B 188 -3.54 -32.13 -17.66
N PHE B 189 -2.31 -32.09 -17.12
CA PHE B 189 -1.85 -30.87 -16.44
C PHE B 189 -1.82 -29.69 -17.41
N ILE B 190 -1.46 -29.94 -18.67
CA ILE B 190 -1.41 -28.84 -19.64
C ILE B 190 -2.82 -28.30 -19.87
N ASP B 191 -3.80 -29.18 -20.02
CA ASP B 191 -5.17 -28.73 -20.21
C ASP B 191 -5.67 -27.99 -18.97
N MET B 192 -5.39 -28.52 -17.79
CA MET B 192 -5.71 -27.81 -16.55
C MET B 192 -5.14 -26.40 -16.57
N LEU B 193 -3.86 -26.27 -16.93
CA LEU B 193 -3.23 -24.95 -16.96
C LEU B 193 -3.82 -24.07 -18.07
N ASN B 194 -4.10 -24.65 -19.23
CA ASN B 194 -4.51 -23.83 -20.36
C ASN B 194 -5.90 -23.23 -20.15
N ARG B 195 -6.84 -24.00 -19.63
CA ARG B 195 -8.15 -23.41 -19.36
C ARG B 195 -8.08 -22.46 -18.17
N MET B 196 -7.27 -22.81 -17.17
CA MET B 196 -6.97 -21.88 -16.08
C MET B 196 -6.36 -20.57 -16.59
N ARG B 197 -5.61 -20.63 -17.68
CA ARG B 197 -5.10 -19.41 -18.30
C ARG B 197 -6.24 -18.52 -18.76
N LEU B 198 -7.33 -19.12 -19.26
CA LEU B 198 -8.46 -18.35 -19.78
C LEU B 198 -9.55 -18.12 -18.75
N GLY B 199 -9.30 -18.48 -17.48
CA GLY B 199 -10.30 -18.33 -16.44
C GLY B 199 -11.34 -19.41 -16.37
N ASN B 200 -11.12 -20.53 -17.06
CA ASN B 200 -12.06 -21.65 -17.04
C ASN B 200 -11.52 -22.74 -16.14
N ILE B 201 -12.26 -23.07 -15.10
CA ILE B 201 -11.90 -24.14 -14.18
C ILE B 201 -13.19 -24.85 -13.84
N ASP B 202 -13.32 -26.10 -14.23
CA ASP B 202 -14.51 -26.85 -13.86
C ASP B 202 -14.30 -27.53 -12.50
N ASP B 203 -15.33 -28.22 -12.04
CA ASP B 203 -15.29 -28.83 -10.70
C ASP B 203 -14.18 -29.86 -10.60
N GLU B 204 -13.97 -30.65 -11.66
CA GLU B 204 -12.98 -31.73 -11.59
C GLU B 204 -11.56 -31.18 -11.56
N THR B 205 -11.29 -30.11 -12.31
CA THR B 205 -9.99 -29.48 -12.30
C THR B 205 -9.72 -28.80 -10.96
N GLU B 206 -10.75 -28.21 -10.36
CA GLU B 206 -10.56 -27.64 -9.03
C GLU B 206 -10.19 -28.73 -8.02
N ARG B 207 -10.88 -29.87 -8.09
CA ARG B 207 -10.52 -30.96 -7.18
C ARG B 207 -9.13 -31.49 -7.46
N GLU B 208 -8.67 -31.44 -8.71
CA GLU B 208 -7.32 -31.91 -9.04
C GLU B 208 -6.26 -31.02 -8.41
N PHE B 209 -6.42 -29.70 -8.54
CA PHE B 209 -5.45 -28.78 -7.94
C PHE B 209 -5.46 -28.91 -6.42
N LYS B 210 -6.65 -29.07 -5.83
CA LYS B 210 -6.75 -29.18 -4.39
C LYS B 210 -6.02 -30.40 -3.86
N LYS B 211 -6.01 -31.49 -4.63
CA LYS B 211 -5.26 -32.67 -4.22
C LYS B 211 -3.76 -32.42 -4.13
N LEU B 212 -3.24 -31.42 -4.83
CA LEU B 212 -1.82 -31.13 -4.76
C LEU B 212 -1.45 -30.41 -3.48
N SER B 213 -2.33 -30.41 -2.47
CA SER B 213 -1.94 -29.88 -1.17
C SER B 213 -0.97 -30.80 -0.44
N ARG B 214 -0.87 -32.05 -0.86
CA ARG B 214 0.04 -33.00 -0.23
C ARG B 214 1.47 -32.48 -0.32
N PRO B 215 2.32 -32.79 0.66
CA PRO B 215 3.69 -32.25 0.63
C PRO B 215 4.52 -32.86 -0.50
N LEU B 216 5.49 -32.08 -0.96
CA LEU B 216 6.42 -32.56 -1.97
C LEU B 216 7.37 -33.60 -1.35
N PRO B 217 7.93 -34.51 -2.18
CA PRO B 217 8.76 -35.59 -1.63
C PRO B 217 9.93 -35.07 -0.82
N ASP B 218 10.28 -35.81 0.22
CA ASP B 218 11.38 -35.44 1.11
C ASP B 218 12.72 -35.93 0.58
N ASP B 219 13.01 -35.57 -0.67
CA ASP B 219 14.31 -35.82 -1.29
C ASP B 219 15.31 -34.79 -0.78
N GLU B 220 16.51 -34.83 -1.35
CA GLU B 220 17.54 -33.86 -0.98
C GLU B 220 17.28 -32.46 -1.53
N ILE B 221 16.27 -32.29 -2.40
CA ILE B 221 16.17 -31.09 -3.23
C ILE B 221 15.41 -30.00 -2.49
N ILE B 222 16.03 -28.82 -2.38
CA ILE B 222 15.36 -27.67 -1.79
C ILE B 222 14.32 -27.17 -2.79
N PRO B 223 13.04 -27.19 -2.45
CA PRO B 223 12.03 -26.68 -3.38
C PRO B 223 12.12 -25.17 -3.52
N ALA B 224 11.73 -24.67 -4.69
CA ALA B 224 11.41 -23.26 -4.81
C ALA B 224 10.04 -23.01 -4.17
N GLU B 225 9.81 -21.79 -3.70
CA GLU B 225 8.52 -21.46 -3.09
C GLU B 225 8.02 -20.13 -3.60
N LEU B 226 6.75 -20.08 -3.99
CA LEU B 226 6.16 -18.88 -4.58
C LEU B 226 5.06 -18.35 -3.69
N TYR B 227 5.05 -17.03 -3.49
CA TYR B 227 4.02 -16.36 -2.73
C TYR B 227 3.67 -15.07 -3.42
N SER B 228 2.52 -14.51 -3.05
CA SER B 228 2.08 -13.27 -3.67
C SER B 228 2.88 -12.07 -3.17
N THR B 229 3.21 -12.02 -1.86
CA THR B 229 3.74 -10.80 -1.26
C THR B 229 5.16 -11.00 -0.73
N ARG B 230 5.91 -9.90 -0.69
CA ARG B 230 7.27 -9.91 -0.18
C ARG B 230 7.33 -10.38 1.26
N MET B 231 6.31 -10.04 2.06
CA MET B 231 6.28 -10.51 3.44
C MET B 231 6.28 -12.03 3.51
N GLU B 232 5.42 -12.66 2.71
CA GLU B 232 5.42 -14.13 2.68
C GLU B 232 6.76 -14.65 2.16
N VAL B 233 7.28 -14.03 1.11
CA VAL B 233 8.54 -14.50 0.53
C VAL B 233 9.65 -14.46 1.56
N GLU B 234 9.76 -13.34 2.28
CA GLU B 234 10.83 -13.16 3.27
C GLU B 234 10.69 -14.14 4.42
N ARG B 235 9.46 -14.38 4.87
CA ARG B 235 9.24 -15.36 5.93
C ARG B 235 9.71 -16.75 5.51
N ALA B 236 9.38 -17.14 4.28
CA ALA B 236 9.78 -18.45 3.75
C ALA B 236 11.30 -18.54 3.59
N ASN B 237 11.91 -17.48 3.04
CA ASN B 237 13.36 -17.49 2.87
C ASN B 237 14.08 -17.54 4.22
N ASN B 238 13.57 -16.86 5.24
CA ASN B 238 14.23 -16.90 6.53
C ASN B 238 14.03 -18.23 7.24
N SER B 239 12.87 -18.87 7.02
CA SER B 239 12.67 -20.24 7.50
C SER B 239 13.71 -21.17 6.90
N ARG B 240 13.86 -21.16 5.58
CA ARG B 240 14.84 -22.03 4.93
C ARG B 240 16.26 -21.66 5.38
N LEU B 241 16.53 -20.37 5.62
CA LEU B 241 17.84 -19.98 6.13
C LEU B 241 18.15 -20.66 7.46
N SER B 242 17.12 -20.88 8.29
CA SER B 242 17.35 -21.62 9.53
C SER B 242 17.68 -23.09 9.25
N LYS B 243 17.17 -23.63 8.14
CA LYS B 243 17.42 -25.03 7.78
C LYS B 243 18.88 -25.29 7.41
N LEU B 244 19.65 -24.25 7.06
CA LEU B 244 21.05 -24.46 6.73
C LEU B 244 21.88 -24.58 8.01
N PRO B 245 22.94 -25.39 7.98
CA PRO B 245 23.71 -25.65 9.21
C PRO B 245 24.70 -24.57 9.60
N GLY B 246 24.94 -23.55 8.78
CA GLY B 246 26.00 -22.61 9.06
C GLY B 246 25.75 -21.72 10.27
N GLN B 247 26.79 -20.97 10.63
CA GLN B 247 26.65 -19.86 11.57
C GLN B 247 26.06 -18.64 10.86
N VAL B 248 25.15 -17.95 11.55
CA VAL B 248 24.47 -16.81 10.92
C VAL B 248 25.41 -15.62 10.87
N HIS B 249 25.29 -14.84 9.79
CA HIS B 249 26.06 -13.61 9.59
C HIS B 249 25.08 -12.48 9.36
N ILE B 250 25.17 -11.43 10.19
CA ILE B 250 24.15 -10.38 10.23
C ILE B 250 24.73 -9.11 9.65
N PHE B 251 23.96 -8.46 8.79
CA PHE B 251 24.37 -7.21 8.15
C PHE B 251 23.30 -6.16 8.41
N ASN B 252 23.59 -5.20 9.27
CA ASN B 252 22.66 -4.14 9.62
C ASN B 252 22.88 -2.94 8.73
N ALA B 253 21.78 -2.38 8.21
CA ALA B 253 21.86 -1.23 7.33
C ALA B 253 22.25 0.03 8.10
N ILE B 254 22.77 1.00 7.36
CA ILE B 254 23.12 2.30 7.90
C ILE B 254 22.27 3.35 7.20
N ASP B 255 21.51 4.12 7.97
CA ASP B 255 20.53 5.06 7.45
C ASP B 255 20.93 6.51 7.68
N GLY B 256 20.46 7.38 6.80
CA GLY B 256 20.77 8.78 6.91
C GLY B 256 19.85 9.62 6.04
N GLY B 257 20.33 10.80 5.69
CA GLY B 257 19.61 11.69 4.80
C GLY B 257 19.61 13.10 5.32
N ALA B 258 19.25 14.04 4.45
CA ALA B 258 19.26 15.46 4.80
C ALA B 258 18.07 15.88 5.65
N LEU B 259 17.02 15.05 5.72
CA LEU B 259 15.87 15.38 6.55
C LEU B 259 16.25 15.39 8.03
N GLU B 260 15.60 16.28 8.78
CA GLU B 260 15.75 16.35 10.22
C GLU B 260 14.55 15.83 10.99
N ASP B 261 13.33 16.00 10.48
CA ASP B 261 12.13 15.50 11.15
C ASP B 261 12.13 13.98 11.13
N GLU B 262 12.38 13.37 12.28
CA GLU B 262 12.54 11.92 12.37
C GLU B 262 11.24 11.18 12.04
N GLU B 263 10.08 11.76 12.36
CA GLU B 263 8.84 11.05 12.08
C GLU B 263 8.54 11.01 10.59
N LEU B 264 9.02 11.99 9.83
CA LEU B 264 8.93 11.91 8.37
C LEU B 264 9.97 10.94 7.81
N LYS B 265 11.20 10.98 8.36
CA LYS B 265 12.25 10.06 7.93
C LYS B 265 11.85 8.61 8.17
N GLU B 266 11.22 8.32 9.31
CA GLU B 266 10.69 6.99 9.58
C GLU B 266 9.51 6.67 8.67
N ARG B 267 8.65 7.66 8.40
CA ARG B 267 7.56 7.46 7.46
C ARG B 267 8.07 7.12 6.06
N LEU B 268 9.28 7.59 5.71
CA LEU B 268 9.79 7.37 4.36
C LEU B 268 10.66 6.14 4.27
N LEU B 269 11.33 5.77 5.36
CA LEU B 269 12.19 4.59 5.35
C LEU B 269 11.38 3.32 5.14
N GLN B 270 10.10 3.35 5.53
CA GLN B 270 9.20 2.21 5.31
C GLN B 270 9.25 1.67 3.88
N ASN B 271 9.49 2.54 2.89
CA ASN B 271 9.41 2.15 1.49
C ASN B 271 10.55 1.27 1.01
N PHE B 272 11.69 1.27 1.70
CA PHE B 272 12.91 0.77 1.08
C PHE B 272 12.88 -0.74 0.88
N LEU B 273 13.31 -1.19 -0.31
CA LEU B 273 13.57 -2.62 -0.55
C LEU B 273 14.53 -3.17 0.48
N ALA B 274 15.69 -2.53 0.62
CA ALA B 274 16.79 -3.12 1.36
C ALA B 274 16.42 -3.22 2.85
N PRO B 275 16.63 -4.39 3.46
CA PRO B 275 16.19 -4.57 4.85
C PRO B 275 17.00 -3.76 5.83
N LYS B 276 16.39 -3.45 6.96
CA LYS B 276 17.19 -3.00 8.09
C LYS B 276 18.23 -4.05 8.45
N GLU B 277 17.92 -5.32 8.20
CA GLU B 277 18.70 -6.45 8.69
C GLU B 277 18.67 -7.57 7.67
N LEU B 278 19.85 -8.06 7.30
CA LEU B 278 20.03 -9.09 6.29
C LEU B 278 20.81 -10.25 6.92
N HIS B 279 20.25 -11.45 6.82
CA HIS B 279 20.81 -12.63 7.48
C HIS B 279 21.31 -13.61 6.43
N LEU B 280 22.54 -14.09 6.59
CA LEU B 280 23.14 -14.95 5.59
C LEU B 280 23.96 -16.06 6.22
N LYS B 281 24.11 -17.16 5.49
CA LYS B 281 24.93 -18.29 5.89
C LYS B 281 25.61 -18.86 4.66
N VAL B 282 26.61 -19.71 4.90
CA VAL B 282 27.23 -20.47 3.83
C VAL B 282 26.18 -21.31 3.14
N GLY B 283 26.19 -21.31 1.81
CA GLY B 283 25.25 -22.07 1.02
C GLY B 283 23.91 -21.39 0.75
N ALA B 284 23.67 -20.21 1.33
CA ALA B 284 22.42 -19.50 1.10
C ALA B 284 22.27 -19.10 -0.36
N GLN B 285 21.05 -19.25 -0.89
CA GLN B 285 20.75 -18.82 -2.26
C GLN B 285 20.37 -17.35 -2.24
N VAL B 286 21.03 -16.53 -3.06
CA VAL B 286 20.82 -15.10 -3.03
C VAL B 286 20.58 -14.58 -4.43
N MET B 287 20.07 -13.36 -4.48
CA MET B 287 19.84 -12.65 -5.73
C MET B 287 20.40 -11.25 -5.59
N MET B 288 21.17 -10.84 -6.60
CA MET B 288 21.64 -9.47 -6.74
C MET B 288 20.45 -8.55 -7.05
N VAL B 289 20.37 -7.40 -6.39
CA VAL B 289 19.24 -6.51 -6.59
C VAL B 289 19.65 -5.17 -7.21
N LYS B 290 20.90 -4.99 -7.52
CA LYS B 290 21.42 -3.77 -8.12
C LYS B 290 22.20 -4.12 -9.37
N ASN B 291 22.14 -3.25 -10.38
CA ASN B 291 22.92 -3.44 -11.61
C ASN B 291 24.33 -2.91 -11.35
N LEU B 292 25.31 -3.81 -11.19
CA LEU B 292 26.67 -3.40 -10.87
C LEU B 292 27.57 -3.32 -12.11
N ASP B 293 27.42 -4.22 -13.06
CA ASP B 293 28.19 -4.17 -14.31
C ASP B 293 27.42 -4.98 -15.35
N ALA B 294 28.08 -5.28 -16.48
CA ALA B 294 27.38 -5.83 -17.63
C ALA B 294 26.75 -7.19 -17.32
N THR B 295 27.36 -7.99 -16.45
CA THR B 295 26.86 -9.34 -16.19
C THR B 295 26.59 -9.61 -14.71
N LEU B 296 26.56 -8.58 -13.86
CA LEU B 296 26.13 -8.71 -12.46
C LEU B 296 25.05 -7.65 -12.29
N VAL B 297 23.78 -8.07 -12.37
CA VAL B 297 22.65 -7.16 -12.52
C VAL B 297 21.53 -7.60 -11.59
N ASN B 298 20.52 -6.74 -11.50
CA ASN B 298 19.28 -7.08 -10.82
C ASN B 298 18.71 -8.35 -11.42
N GLY B 299 18.61 -9.40 -10.60
CA GLY B 299 18.16 -10.69 -11.09
C GLY B 299 19.25 -11.76 -11.11
N SER B 300 20.52 -11.39 -10.98
CA SER B 300 21.59 -12.38 -10.97
C SER B 300 21.45 -13.30 -9.76
N LEU B 301 21.44 -14.60 -9.99
CA LEU B 301 21.30 -15.58 -8.92
C LEU B 301 22.66 -16.16 -8.58
N GLY B 302 22.82 -16.54 -7.32
CA GLY B 302 24.11 -17.03 -6.86
C GLY B 302 23.99 -17.69 -5.50
N LYS B 303 25.11 -18.28 -5.08
CA LYS B 303 25.18 -19.01 -3.82
C LYS B 303 26.33 -18.49 -2.97
N VAL B 304 26.08 -18.34 -1.68
CA VAL B 304 27.08 -17.83 -0.75
C VAL B 304 28.14 -18.92 -0.51
N ILE B 305 29.40 -18.60 -0.79
CA ILE B 305 30.48 -19.56 -0.62
C ILE B 305 31.06 -19.50 0.80
N GLU B 306 31.36 -18.30 1.26
CA GLU B 306 31.96 -18.06 2.58
C GLU B 306 31.87 -16.57 2.82
N PHE B 307 32.48 -16.11 3.92
CA PHE B 307 32.53 -14.70 4.28
C PHE B 307 33.98 -14.32 4.56
N MET B 308 34.50 -13.35 3.81
CA MET B 308 35.92 -12.99 3.88
C MET B 308 36.07 -11.48 3.82
N ASP B 309 37.14 -10.98 4.42
CA ASP B 309 37.52 -9.59 4.20
C ASP B 309 38.27 -9.49 2.87
N PRO B 310 38.38 -8.29 2.30
CA PRO B 310 39.06 -8.18 0.99
C PRO B 310 40.50 -8.67 0.99
N GLU B 311 41.24 -8.49 2.08
CA GLU B 311 42.60 -9.01 2.14
C GLU B 311 42.60 -10.53 1.98
N THR B 312 41.80 -11.22 2.79
CA THR B 312 41.68 -12.67 2.69
C THR B 312 41.19 -13.10 1.31
N TYR B 313 40.16 -12.42 0.77
CA TYR B 313 39.62 -12.83 -0.51
C TYR B 313 40.66 -12.69 -1.62
N PHE B 314 41.43 -11.59 -1.61
CA PHE B 314 42.52 -11.45 -2.57
C PHE B 314 43.43 -12.68 -2.53
N CYS B 315 43.77 -13.15 -1.33
CA CYS B 315 44.56 -14.37 -1.22
C CYS B 315 43.79 -15.58 -1.73
N TYR B 316 42.55 -15.76 -1.27
CA TYR B 316 41.73 -16.86 -1.79
C TYR B 316 41.60 -16.78 -3.30
N GLU B 317 41.39 -15.57 -3.83
CA GLU B 317 41.24 -15.41 -5.27
C GLU B 317 42.53 -15.81 -5.99
N ALA B 318 43.69 -15.41 -5.46
CA ALA B 318 44.95 -15.82 -6.05
C ALA B 318 45.09 -17.34 -6.07
N LEU B 319 44.64 -18.01 -5.01
CA LEU B 319 44.77 -19.47 -4.95
C LEU B 319 43.84 -20.18 -5.92
N THR B 320 42.57 -19.74 -5.99
CA THR B 320 41.65 -20.37 -6.93
C THR B 320 42.06 -20.12 -8.38
N ASN B 321 42.87 -19.09 -8.65
CA ASN B 321 43.32 -18.80 -10.00
C ASN B 321 44.63 -19.48 -10.36
N ASP B 322 45.28 -20.15 -9.40
CA ASP B 322 46.48 -20.95 -9.63
C ASP B 322 46.65 -21.95 -8.50
N PRO B 323 45.86 -23.03 -8.46
CA PRO B 323 45.96 -23.96 -7.32
C PRO B 323 47.31 -24.64 -7.20
N SER B 324 48.08 -24.74 -8.27
CA SER B 324 49.47 -25.23 -8.17
C SER B 324 50.44 -24.07 -7.91
N MET B 325 50.15 -23.32 -6.87
CA MET B 325 50.89 -22.14 -6.49
C MET B 325 52.11 -22.50 -5.65
N PRO B 326 53.15 -21.67 -5.69
CA PRO B 326 54.21 -21.78 -4.69
C PRO B 326 53.70 -21.33 -3.34
N PRO B 327 53.74 -22.20 -2.33
CA PRO B 327 53.19 -21.83 -1.01
C PRO B 327 53.93 -20.70 -0.30
N GLU B 328 55.13 -20.31 -0.78
CA GLU B 328 55.88 -19.24 -0.12
C GLU B 328 55.16 -17.90 -0.22
N LYS B 329 54.37 -17.70 -1.27
CA LYS B 329 53.63 -16.45 -1.40
C LYS B 329 52.55 -16.34 -0.33
N LEU B 330 51.81 -17.43 -0.08
CA LEU B 330 50.79 -17.40 0.97
C LEU B 330 51.42 -17.23 2.35
N GLU B 331 52.60 -17.79 2.58
CA GLU B 331 53.23 -17.60 3.88
C GLU B 331 53.70 -16.15 4.04
N THR B 332 54.28 -15.57 3.00
CA THR B 332 54.68 -14.17 3.08
C THR B 332 53.48 -13.29 3.42
N TRP B 333 52.36 -13.45 2.70
CA TRP B 333 51.16 -12.67 2.99
C TRP B 333 50.64 -12.93 4.40
N ALA B 334 50.74 -14.17 4.87
CA ALA B 334 50.24 -14.49 6.21
C ALA B 334 51.06 -13.80 7.29
N GLU B 335 52.37 -13.76 7.14
CA GLU B 335 53.23 -13.20 8.16
C GLU B 335 53.58 -11.73 7.93
N ASN B 336 53.07 -11.13 6.86
CA ASN B 336 53.32 -9.72 6.57
C ASN B 336 52.14 -9.13 5.85
N PRO B 337 51.07 -8.81 6.57
CA PRO B 337 49.85 -8.29 5.92
C PRO B 337 50.09 -6.99 5.16
N SER B 338 51.12 -6.23 5.53
CA SER B 338 51.44 -5.02 4.77
C SER B 338 51.80 -5.35 3.33
N LYS B 339 52.63 -6.39 3.14
CA LYS B 339 52.95 -6.84 1.79
C LYS B 339 51.71 -7.39 1.09
N LEU B 340 50.83 -8.05 1.83
CA LEU B 340 49.55 -8.45 1.27
C LEU B 340 48.82 -7.25 0.68
N LYS B 341 48.74 -6.16 1.45
CA LYS B 341 48.03 -4.98 0.97
C LYS B 341 48.74 -4.34 -0.22
N ALA B 342 50.08 -4.26 -0.17
CA ALA B 342 50.82 -3.73 -1.30
C ALA B 342 50.49 -4.51 -2.57
N ALA B 343 50.56 -5.84 -2.50
CA ALA B 343 50.16 -6.65 -3.65
C ALA B 343 48.68 -6.44 -3.96
N MET B 344 47.85 -6.31 -2.93
CA MET B 344 46.44 -6.03 -3.14
C MET B 344 46.24 -4.73 -3.92
N GLU B 345 47.00 -3.70 -3.60
CA GLU B 345 46.75 -2.39 -4.19
C GLU B 345 47.48 -2.17 -5.49
N ARG B 346 48.51 -2.97 -5.79
CA ARG B 346 49.10 -2.94 -7.13
C ARG B 346 48.09 -3.37 -8.19
N GLU B 347 47.18 -4.29 -7.85
CA GLU B 347 46.14 -4.71 -8.77
C GLU B 347 44.98 -3.72 -8.88
N GLN B 348 44.88 -2.79 -7.94
CA GLN B 348 43.80 -1.79 -7.95
C GLN B 348 43.93 -0.80 -9.10
N SER B 354 36.56 11.30 -5.36
CA SER B 354 35.53 12.31 -5.14
C SER B 354 35.51 12.76 -3.68
N ALA B 355 34.50 13.53 -3.32
CA ALA B 355 34.26 13.96 -1.94
C ALA B 355 32.97 13.38 -1.38
N VAL B 356 31.87 13.45 -2.15
CA VAL B 356 30.65 12.76 -1.77
C VAL B 356 30.79 11.24 -1.90
N ALA B 357 31.67 10.76 -2.80
CA ALA B 357 31.90 9.32 -2.92
C ALA B 357 32.83 8.80 -1.82
N SER B 358 33.85 9.57 -1.44
CA SER B 358 34.64 9.25 -0.25
C SER B 358 33.82 9.49 1.01
N ARG B 359 32.74 10.27 0.88
CA ARG B 359 31.83 10.53 1.99
C ARG B 359 31.03 9.30 2.38
N LYS B 360 30.45 8.63 1.40
CA LYS B 360 29.74 7.39 1.67
C LYS B 360 30.70 6.23 1.88
N SER B 361 31.85 6.24 1.20
CA SER B 361 32.83 5.18 1.36
C SER B 361 33.35 5.08 2.79
N SER B 362 33.26 6.18 3.55
CA SER B 362 33.58 6.12 4.98
C SER B 362 32.41 5.61 5.80
N VAL B 363 31.18 5.89 5.35
CA VAL B 363 30.02 5.22 5.92
C VAL B 363 30.12 3.72 5.69
N LYS B 364 30.57 3.33 4.49
CA LYS B 364 30.63 1.92 4.13
C LYS B 364 31.73 1.19 4.90
N GLU B 365 32.79 1.89 5.30
CA GLU B 365 33.81 1.26 6.12
C GLU B 365 33.29 0.90 7.50
N GLY B 366 32.22 1.55 7.97
CA GLY B 366 31.65 1.26 9.26
C GLY B 366 30.61 0.16 9.20
N PHE B 367 30.67 -0.67 8.16
CA PHE B 367 29.64 -1.66 7.90
C PHE B 367 29.91 -3.01 8.59
N ALA B 368 30.99 -3.17 9.35
CA ALA B 368 31.10 -4.31 10.24
C ALA B 368 32.20 -4.08 11.28
N LYS B 369 32.28 -5.04 12.20
CA LYS B 369 33.33 -5.08 13.21
C LYS B 369 34.19 -6.31 12.97
N PRO B 375 35.96 -13.02 19.00
CA PRO B 375 35.31 -12.53 17.79
C PRO B 375 35.91 -13.11 16.50
N VAL B 376 36.49 -14.31 16.62
CA VAL B 376 37.14 -15.01 15.50
C VAL B 376 36.23 -16.18 15.10
N SER B 377 36.34 -16.59 13.81
CA SER B 377 35.58 -17.78 13.40
C SER B 377 36.20 -18.51 12.21
N PRO B 378 36.77 -19.70 12.44
CA PRO B 378 37.40 -20.47 11.34
C PRO B 378 36.51 -20.66 10.11
N LEU B 379 37.16 -20.84 8.96
CA LEU B 379 36.49 -20.98 7.67
C LEU B 379 35.76 -22.31 7.57
N ASP B 380 34.80 -22.36 6.66
CA ASP B 380 34.14 -23.61 6.32
C ASP B 380 35.02 -24.43 5.40
N SER B 381 35.13 -25.72 5.69
CA SER B 381 35.98 -26.61 4.91
C SER B 381 35.55 -26.72 3.44
N SER B 382 34.34 -26.28 3.10
CA SER B 382 33.89 -26.41 1.72
C SER B 382 34.73 -25.55 0.77
N VAL B 383 35.17 -24.37 1.24
CA VAL B 383 35.83 -23.43 0.34
C VAL B 383 37.13 -24.00 -0.21
N PHE B 384 37.69 -25.04 0.42
CA PHE B 384 38.92 -25.68 -0.06
C PHE B 384 38.55 -26.94 -0.84
N ASP B 385 38.19 -26.72 -2.10
CA ASP B 385 37.85 -27.81 -3.01
C ASP B 385 39.07 -28.05 -3.90
N PHE B 386 39.80 -26.97 -4.18
CA PHE B 386 41.01 -27.02 -4.98
C PHE B 386 40.86 -27.74 -6.32
N MET B 387 41.18 -29.03 -6.32
CA MET B 387 41.14 -29.83 -7.53
C MET B 387 40.88 -31.27 -7.15
N LYS B 388 39.98 -31.49 -6.20
CA LYS B 388 39.82 -32.84 -5.67
C LYS B 388 38.92 -33.59 -6.65
N ARG B 389 39.51 -33.82 -7.83
CA ARG B 389 38.86 -34.48 -8.98
C ARG B 389 39.91 -35.26 -9.78
N ILE B 401 51.00 -31.92 1.72
CA ILE B 401 50.58 -31.83 0.32
C ILE B 401 49.66 -30.63 0.12
N LYS B 402 48.98 -30.21 1.19
CA LYS B 402 47.96 -29.16 1.17
C LYS B 402 48.23 -28.14 2.29
N ARG B 403 49.47 -27.70 2.40
CA ARG B 403 49.83 -26.62 3.33
C ARG B 403 49.06 -25.33 3.04
N LYS B 404 48.51 -25.19 1.84
CA LYS B 404 47.84 -23.93 1.50
C LYS B 404 46.56 -23.71 2.29
N GLU B 405 45.91 -24.79 2.76
CA GLU B 405 44.62 -24.63 3.43
C GLU B 405 44.76 -23.87 4.74
N GLN B 406 45.61 -24.36 5.66
CA GLN B 406 45.68 -23.72 6.97
C GLN B 406 46.40 -22.37 6.91
N LEU B 407 47.18 -22.12 5.85
CA LEU B 407 47.69 -20.77 5.62
C LEU B 407 46.55 -19.81 5.30
N MET B 408 45.63 -20.21 4.42
CA MET B 408 44.44 -19.40 4.19
C MET B 408 43.68 -19.18 5.49
N GLN B 409 43.58 -20.23 6.31
CA GLN B 409 42.94 -20.08 7.62
C GLN B 409 43.70 -19.07 8.48
N THR B 410 45.03 -19.06 8.39
CA THR B 410 45.80 -18.08 9.16
C THR B 410 45.52 -16.66 8.68
N ILE B 411 45.59 -16.45 7.36
CA ILE B 411 45.28 -15.15 6.76
C ILE B 411 43.88 -14.69 7.16
N HIS B 412 42.95 -15.64 7.32
CA HIS B 412 41.59 -15.25 7.68
C HIS B 412 41.49 -14.75 9.12
N GLN B 413 42.15 -15.43 10.05
CA GLN B 413 42.05 -15.10 11.46
C GLN B 413 42.61 -13.70 11.75
N ASN B 414 43.60 -13.25 10.96
CA ASN B 414 44.13 -11.90 11.11
C ASN B 414 43.12 -10.82 10.73
N SER B 415 42.04 -11.18 10.04
CA SER B 415 40.99 -10.23 9.69
C SER B 415 40.08 -9.86 10.85
N ALA B 416 40.37 -10.34 12.07
CA ALA B 416 39.61 -9.92 13.23
C ALA B 416 39.68 -8.41 13.39
N GLY B 417 38.52 -7.77 13.38
CA GLY B 417 38.44 -6.32 13.43
C GLY B 417 38.13 -5.66 12.10
N LYS B 418 37.56 -6.38 11.14
CA LYS B 418 37.19 -5.81 9.85
C LYS B 418 35.96 -6.52 9.33
N ARG B 419 35.36 -5.94 8.28
CA ARG B 419 34.17 -6.51 7.67
C ARG B 419 34.47 -7.79 6.93
N ARG B 420 33.71 -8.85 7.22
CA ARG B 420 33.80 -10.11 6.46
C ARG B 420 32.55 -10.23 5.60
N LEU B 421 32.69 -9.90 4.31
CA LEU B 421 31.62 -9.79 3.33
C LEU B 421 31.31 -11.14 2.71
N PRO B 422 30.08 -11.31 2.19
CA PRO B 422 29.74 -12.56 1.51
C PRO B 422 30.49 -12.70 0.20
N LEU B 423 31.10 -13.84 0.02
CA LEU B 423 31.70 -14.23 -1.24
C LEU B 423 30.69 -15.11 -1.98
N VAL B 424 30.25 -14.66 -3.15
CA VAL B 424 29.11 -15.27 -3.84
C VAL B 424 29.52 -15.80 -5.20
N ARG B 425 29.11 -17.04 -5.50
CA ARG B 425 29.28 -17.63 -6.82
C ARG B 425 28.00 -17.40 -7.61
N PHE B 426 28.07 -16.50 -8.60
CA PHE B 426 26.90 -16.17 -9.42
C PHE B 426 26.91 -17.03 -10.68
N LYS B 427 25.72 -17.44 -11.14
CA LYS B 427 25.62 -18.23 -12.36
C LYS B 427 24.67 -17.56 -13.35
N ALA B 428 25.18 -17.20 -14.53
CA ALA B 428 24.37 -16.64 -15.59
C ALA B 428 23.58 -17.75 -16.30
N SER B 429 22.65 -17.34 -17.16
CA SER B 429 21.78 -18.31 -17.83
C SER B 429 22.56 -19.14 -18.85
N ASP B 430 23.65 -18.61 -19.40
CA ASP B 430 24.53 -19.40 -20.27
C ASP B 430 25.36 -20.43 -19.52
N MET B 431 25.13 -20.58 -18.20
CA MET B 431 25.80 -21.49 -17.26
C MET B 431 27.20 -21.00 -16.86
N SER B 432 27.70 -19.91 -17.44
CA SER B 432 28.94 -19.34 -16.94
C SER B 432 28.77 -18.86 -15.51
N THR B 433 29.83 -19.00 -14.72
CA THR B 433 29.82 -18.63 -13.31
C THR B 433 30.81 -17.50 -13.06
N ARG B 434 30.61 -16.83 -11.94
CA ARG B 434 31.37 -15.62 -11.62
C ARG B 434 31.45 -15.52 -10.11
N MET B 435 32.65 -15.26 -9.62
CA MET B 435 32.91 -15.24 -8.18
C MET B 435 33.13 -13.79 -7.75
N VAL B 436 32.29 -13.32 -6.83
CA VAL B 436 32.25 -11.92 -6.42
C VAL B 436 32.23 -11.83 -4.91
N LEU B 437 33.09 -10.98 -4.35
CA LEU B 437 32.96 -10.55 -2.95
C LEU B 437 32.05 -9.34 -2.92
N VAL B 438 30.87 -9.47 -2.32
CA VAL B 438 29.81 -8.48 -2.48
C VAL B 438 29.93 -7.40 -1.41
N GLU B 439 30.02 -6.14 -1.84
CA GLU B 439 30.16 -4.98 -0.99
C GLU B 439 28.84 -4.26 -0.81
N PRO B 440 28.72 -3.42 0.23
CA PRO B 440 27.47 -2.66 0.43
C PRO B 440 27.21 -1.67 -0.69
N GLU B 441 25.95 -1.27 -0.82
CA GLU B 441 25.54 -0.26 -1.80
C GLU B 441 24.62 0.75 -1.12
N ASP B 442 24.25 1.81 -1.85
CA ASP B 442 23.40 2.87 -1.34
C ASP B 442 22.08 2.96 -2.08
N TRP B 443 21.06 3.42 -1.36
CA TRP B 443 19.76 3.78 -1.89
C TRP B 443 19.39 5.13 -1.31
N ALA B 444 18.73 5.97 -2.09
CA ALA B 444 18.28 7.27 -1.57
C ALA B 444 16.95 7.64 -2.18
N ILE B 445 16.20 8.42 -1.42
CA ILE B 445 15.04 9.15 -1.92
C ILE B 445 15.45 10.60 -1.98
N GLU B 446 15.23 11.25 -3.13
CA GLU B 446 15.80 12.57 -3.34
C GLU B 446 14.73 13.59 -3.70
N ASP B 447 15.08 14.87 -3.52
CA ASP B 447 14.24 15.95 -4.00
C ASP B 447 14.64 16.26 -5.44
N GLU B 448 14.09 17.34 -6.01
CA GLU B 448 14.30 17.63 -7.42
C GLU B 448 15.72 18.12 -7.74
N ASN B 449 16.48 18.53 -6.72
CA ASN B 449 17.87 18.91 -6.88
C ASN B 449 18.82 17.79 -6.48
N GLU B 450 18.34 16.54 -6.51
CA GLU B 450 19.12 15.35 -6.16
C GLU B 450 19.64 15.38 -4.73
N LYS B 451 19.08 16.21 -3.87
CA LYS B 451 19.43 16.14 -2.44
C LYS B 451 18.87 14.85 -1.84
N PRO B 452 19.69 14.06 -1.13
CA PRO B 452 19.19 12.83 -0.51
C PRO B 452 18.40 13.15 0.75
N LEU B 453 17.15 12.71 0.78
CA LEU B 453 16.25 12.98 1.90
C LEU B 453 16.35 11.90 2.98
N VAL B 454 16.24 10.63 2.58
CA VAL B 454 16.57 9.49 3.41
C VAL B 454 17.38 8.52 2.56
N SER B 455 18.17 7.68 3.23
CA SER B 455 19.12 6.83 2.54
C SER B 455 19.41 5.58 3.36
N ARG B 456 19.94 4.57 2.69
CA ARG B 456 20.24 3.28 3.31
C ARG B 456 21.49 2.69 2.67
N VAL B 457 22.39 2.20 3.50
CA VAL B 457 23.58 1.46 3.07
C VAL B 457 23.37 0.01 3.50
N GLN B 458 23.43 -0.92 2.54
CA GLN B 458 23.21 -2.34 2.81
C GLN B 458 23.71 -3.14 1.62
N LEU B 459 23.94 -4.43 1.84
CA LEU B 459 24.34 -5.31 0.76
C LEU B 459 23.23 -5.37 -0.29
N PRO B 460 23.58 -5.43 -1.60
CA PRO B 460 22.60 -5.56 -2.66
C PRO B 460 22.15 -7.02 -2.88
N LEU B 461 21.71 -7.66 -1.81
CA LEU B 461 21.40 -9.08 -1.84
C LEU B 461 20.10 -9.33 -1.09
N MET B 462 19.27 -10.21 -1.64
CA MET B 462 18.16 -10.77 -0.87
C MET B 462 18.18 -12.29 -1.02
N LEU B 463 17.60 -12.96 -0.04
CA LEU B 463 17.45 -14.42 -0.13
C LEU B 463 16.53 -14.76 -1.30
N ALA B 464 16.82 -15.90 -1.94
CA ALA B 464 16.20 -16.20 -3.23
C ALA B 464 15.77 -17.66 -3.41
N TRP B 465 15.62 -18.42 -2.34
CA TRP B 465 14.92 -19.70 -2.49
C TRP B 465 13.46 -19.48 -2.85
N SER B 466 12.78 -18.65 -2.06
CA SER B 466 11.44 -18.19 -2.39
C SER B 466 11.48 -16.93 -3.22
N LEU B 467 10.56 -16.84 -4.16
CA LEU B 467 10.39 -15.71 -5.04
C LEU B 467 8.97 -15.21 -4.92
N SER B 468 8.75 -13.90 -5.16
CA SER B 468 7.38 -13.48 -5.42
C SER B 468 6.92 -14.13 -6.72
N ILE B 469 5.60 -14.20 -6.90
CA ILE B 469 5.07 -14.73 -8.16
C ILE B 469 5.45 -13.81 -9.30
N HIS B 470 5.51 -12.49 -9.05
CA HIS B 470 5.96 -11.55 -10.09
C HIS B 470 7.33 -11.89 -10.61
N LYS B 471 8.32 -12.05 -9.71
CA LYS B 471 9.67 -12.35 -10.15
C LYS B 471 9.80 -13.76 -10.75
N SER B 472 8.94 -14.70 -10.33
CA SER B 472 8.96 -16.04 -10.90
C SER B 472 8.51 -16.08 -12.35
N GLN B 473 7.80 -15.05 -12.84
CA GLN B 473 7.23 -15.14 -14.19
C GLN B 473 8.36 -15.24 -15.19
N GLY B 474 8.38 -16.34 -15.93
CA GLY B 474 9.44 -16.65 -16.87
C GLY B 474 10.35 -17.78 -16.43
N GLN B 475 10.27 -18.21 -15.17
CA GLN B 475 11.08 -19.31 -14.69
C GLN B 475 10.44 -20.66 -15.01
N THR B 476 11.28 -21.69 -14.99
CA THR B 476 10.88 -23.09 -15.03
C THR B 476 11.37 -23.72 -13.74
N LEU B 477 10.46 -24.21 -12.91
CA LEU B 477 10.79 -24.71 -11.58
C LEU B 477 10.36 -26.16 -11.45
N PRO B 478 11.28 -27.11 -11.53
CA PRO B 478 10.89 -28.53 -11.48
C PRO B 478 10.37 -28.97 -10.11
N LYS B 479 10.67 -28.26 -9.04
CA LYS B 479 10.12 -28.59 -7.73
C LYS B 479 9.71 -27.28 -7.04
N VAL B 480 8.41 -27.08 -6.83
CA VAL B 480 7.94 -25.78 -6.37
C VAL B 480 6.77 -25.97 -5.42
N LYS B 481 6.79 -25.25 -4.31
CA LYS B 481 5.64 -25.06 -3.46
C LYS B 481 5.04 -23.68 -3.74
N VAL B 482 3.73 -23.64 -3.97
CA VAL B 482 3.02 -22.40 -4.26
C VAL B 482 1.94 -22.19 -3.20
N ASP B 483 1.95 -21.03 -2.54
CA ASP B 483 0.89 -20.67 -1.60
C ASP B 483 0.13 -19.51 -2.22
N LEU B 484 -1.10 -19.76 -2.63
CA LEU B 484 -1.92 -18.76 -3.30
C LEU B 484 -2.74 -17.91 -2.33
N ARG B 485 -2.44 -17.97 -1.03
CA ARG B 485 -3.33 -17.34 -0.05
C ARG B 485 -3.57 -15.85 -0.34
N ARG B 486 -2.52 -15.11 -0.72
CA ARG B 486 -2.65 -13.67 -0.87
C ARG B 486 -2.71 -13.22 -2.34
N VAL B 487 -3.11 -14.10 -3.24
CA VAL B 487 -3.25 -13.73 -4.64
C VAL B 487 -4.22 -12.56 -4.75
N PHE B 488 -3.83 -11.53 -5.48
CA PHE B 488 -4.66 -10.33 -5.59
C PHE B 488 -4.78 -9.80 -7.02
N GLU B 489 -4.12 -10.45 -7.99
CA GLU B 489 -3.93 -9.92 -9.32
C GLU B 489 -4.40 -10.95 -10.34
N LYS B 490 -5.08 -10.48 -11.38
CA LYS B 490 -5.40 -11.35 -12.51
C LYS B 490 -4.12 -11.94 -13.09
N GLY B 491 -4.15 -13.23 -13.48
CA GLY B 491 -2.97 -13.90 -14.03
C GLY B 491 -1.99 -14.45 -13.01
N GLN B 492 -2.09 -14.03 -11.75
CA GLN B 492 -1.09 -14.38 -10.74
C GLN B 492 -1.13 -15.86 -10.39
N ALA B 493 -2.33 -16.41 -10.11
CA ALA B 493 -2.38 -17.84 -9.81
C ALA B 493 -1.88 -18.64 -10.99
N TYR B 494 -2.26 -18.23 -12.20
CA TYR B 494 -1.86 -18.96 -13.40
C TYR B 494 -0.35 -18.94 -13.59
N VAL B 495 0.29 -17.79 -13.37
CA VAL B 495 1.75 -17.73 -13.46
C VAL B 495 2.37 -18.69 -12.45
N ALA B 496 1.90 -18.63 -11.20
CA ALA B 496 2.46 -19.47 -10.15
C ALA B 496 2.42 -20.95 -10.55
N LEU B 497 1.22 -21.45 -10.90
CA LEU B 497 1.11 -22.89 -11.11
C LEU B 497 1.76 -23.32 -12.41
N SER B 498 1.82 -22.44 -13.42
CA SER B 498 2.45 -22.79 -14.68
C SER B 498 3.99 -22.74 -14.63
N ARG B 499 4.60 -22.43 -13.47
CA ARG B 499 6.07 -22.57 -13.35
C ARG B 499 6.48 -24.03 -13.27
N ALA B 500 5.58 -24.88 -12.79
CA ALA B 500 5.91 -26.25 -12.47
C ALA B 500 6.11 -27.06 -13.75
N VAL B 501 6.98 -28.06 -13.65
CA VAL B 501 7.22 -28.99 -14.74
C VAL B 501 6.26 -30.15 -14.69
N SER B 502 6.06 -30.73 -13.51
CA SER B 502 5.16 -31.86 -13.32
C SER B 502 4.26 -31.60 -12.13
N ARG B 503 3.12 -32.31 -12.09
CA ARG B 503 2.29 -32.25 -10.91
C ARG B 503 3.00 -32.90 -9.72
N GLU B 504 3.82 -33.91 -10.00
CA GLU B 504 4.58 -34.56 -8.94
C GLU B 504 5.50 -33.57 -8.25
N GLY B 505 6.03 -32.61 -8.99
CA GLY B 505 6.89 -31.59 -8.43
C GLY B 505 6.20 -30.33 -7.96
N LEU B 506 4.87 -30.34 -7.87
CA LEU B 506 4.09 -29.15 -7.51
C LEU B 506 3.27 -29.40 -6.26
N GLN B 507 3.38 -28.50 -5.29
CA GLN B 507 2.46 -28.43 -4.17
C GLN B 507 1.73 -27.08 -4.21
N VAL B 508 0.42 -27.13 -3.96
CA VAL B 508 -0.47 -25.97 -4.06
C VAL B 508 -1.23 -25.83 -2.74
N LEU B 509 -1.14 -24.67 -2.11
CA LEU B 509 -1.94 -24.37 -0.94
C LEU B 509 -2.88 -23.22 -1.24
N ASN B 510 -4.10 -23.29 -0.71
CA ASN B 510 -5.02 -22.14 -0.69
C ASN B 510 -5.47 -21.73 -2.10
N PHE B 511 -5.67 -22.74 -2.94
CA PHE B 511 -6.26 -22.55 -4.27
C PHE B 511 -7.68 -21.99 -4.17
N ASP B 512 -7.97 -20.91 -4.89
CA ASP B 512 -9.30 -20.30 -4.91
C ASP B 512 -9.71 -20.06 -6.36
N ARG B 513 -10.69 -20.83 -6.85
CA ARG B 513 -11.11 -20.71 -8.24
C ARG B 513 -11.76 -19.35 -8.55
N THR B 514 -12.30 -18.66 -7.55
CA THR B 514 -12.91 -17.36 -7.80
C THR B 514 -11.85 -16.30 -8.12
N ARG B 515 -10.61 -16.51 -7.70
CA ARG B 515 -9.54 -15.54 -7.88
C ARG B 515 -8.75 -15.78 -9.15
N ILE B 516 -9.31 -16.51 -10.10
CA ILE B 516 -8.61 -16.75 -11.36
C ILE B 516 -9.61 -16.51 -12.49
N LYS B 517 -9.61 -15.30 -13.02
CA LYS B 517 -10.40 -14.91 -14.18
C LYS B 517 -9.56 -13.96 -15.01
N ALA B 518 -9.68 -14.08 -16.33
CA ALA B 518 -8.84 -13.29 -17.21
C ALA B 518 -9.44 -11.90 -17.43
N HIS B 519 -8.57 -10.96 -17.80
CA HIS B 519 -9.03 -9.62 -18.13
C HIS B 519 -9.71 -9.63 -19.48
N GLN B 520 -10.89 -9.02 -19.56
CA GLN B 520 -11.66 -9.08 -20.79
C GLN B 520 -10.93 -8.42 -21.96
N LYS B 521 -10.13 -7.39 -21.69
CA LYS B 521 -9.38 -6.76 -22.78
C LYS B 521 -8.32 -7.70 -23.34
N VAL B 522 -7.76 -8.57 -22.50
CA VAL B 522 -6.80 -9.56 -22.99
C VAL B 522 -7.52 -10.64 -23.79
N ILE B 523 -8.63 -11.17 -23.25
CA ILE B 523 -9.48 -12.09 -24.01
C ILE B 523 -9.77 -11.50 -25.39
N ASP B 524 -10.23 -10.25 -25.42
CA ASP B 524 -10.57 -9.59 -26.68
C ASP B 524 -9.34 -9.46 -27.58
N PHE B 525 -8.21 -9.00 -27.01
CA PHE B 525 -7.01 -8.82 -27.82
C PHE B 525 -6.61 -10.12 -28.52
N TYR B 526 -6.68 -11.25 -27.80
CA TYR B 526 -6.20 -12.51 -28.37
C TYR B 526 -7.18 -13.08 -29.39
N LEU B 527 -8.48 -12.81 -29.25
CA LEU B 527 -9.43 -13.24 -30.28
C LEU B 527 -9.09 -12.67 -31.64
N THR B 528 -8.47 -11.48 -31.67
CA THR B 528 -8.15 -10.82 -32.92
C THR B 528 -6.90 -11.40 -33.57
N LEU B 529 -5.97 -11.94 -32.78
CA LEU B 529 -4.75 -12.52 -33.31
C LEU B 529 -5.06 -13.76 -34.15
#